data_3SPS
#
_entry.id   3SPS
#
_cell.length_a   71.179
_cell.length_b   78.544
_cell.length_c   187.378
_cell.angle_alpha   90.00
_cell.angle_beta   90.00
_cell.angle_gamma   90.00
#
_symmetry.space_group_name_H-M   'P 21 21 21'
#
_entity_poly.entity_id   1
_entity_poly.type   'polypeptide(L)'
_entity_poly.pdbx_seq_one_letter_code
;MGSDKIHHHHHHMIQSYPVERSRTIQTRLVLPPDTNHLGTIFGGKVLAYIDEIAALTAMKHANSAVVTASIDSVDFKSSA
TVGDALELEGFVTHTGRTSMEVYVRVHSNNLLTGERTLTTESFLTMVAVDESGKPKPVPQVEPQTEEEKRLYETAPARKE
NRKKRAALR
;
_entity_poly.pdbx_strand_id   A,B,C,D,E,F
#
# COMPACT_ATOMS: atom_id res chain seq x y z
N ILE A 14 -37.55 18.09 -3.82
CA ILE A 14 -38.31 19.07 -2.96
C ILE A 14 -37.59 19.34 -1.63
N GLN A 15 -36.88 18.33 -1.12
CA GLN A 15 -36.01 18.49 0.05
C GLN A 15 -34.85 19.41 -0.32
N SER A 16 -34.28 20.10 0.66
CA SER A 16 -33.25 21.11 0.38
C SER A 16 -32.25 21.25 1.52
N TYR A 17 -30.96 21.15 1.21
CA TYR A 17 -29.91 21.35 2.21
C TYR A 17 -28.86 22.37 1.76
N PRO A 18 -28.30 23.13 2.72
CA PRO A 18 -27.28 24.11 2.36
C PRO A 18 -25.95 23.44 2.04
N VAL A 19 -25.26 23.93 1.01
CA VAL A 19 -23.95 23.42 0.60
C VAL A 19 -23.09 23.10 1.82
N GLU A 20 -23.10 24.02 2.79
CA GLU A 20 -22.34 23.90 4.04
C GLU A 20 -22.38 22.51 4.69
N ARG A 21 -23.57 21.92 4.77
CA ARG A 21 -23.75 20.55 5.28
C ARG A 21 -22.86 19.49 4.60
N SER A 22 -22.82 19.51 3.27
CA SER A 22 -22.09 18.52 2.48
C SER A 22 -20.56 18.69 2.50
N ARG A 23 -20.09 19.89 2.82
CA ARG A 23 -18.67 20.22 2.72
C ARG A 23 -17.77 19.27 3.53
N THR A 24 -16.72 18.80 2.87
CA THR A 24 -15.80 17.83 3.43
C THR A 24 -14.37 18.31 3.27
N ILE A 25 -13.63 18.31 4.37
CA ILE A 25 -12.24 18.77 4.40
C ILE A 25 -11.28 17.60 4.65
N GLN A 26 -10.16 17.60 3.94
CA GLN A 26 -9.13 16.58 4.09
C GLN A 26 -7.75 17.24 4.07
N THR A 27 -6.93 16.87 5.04
CA THR A 27 -5.56 17.34 5.10
C THR A 27 -4.65 16.14 5.23
N ARG A 28 -3.75 16.00 4.26
CA ARG A 28 -2.78 14.91 4.23
C ARG A 28 -1.34 15.42 4.29
N LEU A 29 -0.42 14.52 4.65
CA LEU A 29 1.00 14.82 4.62
C LEU A 29 1.65 14.06 3.47
N VAL A 30 2.28 14.80 2.56
CA VAL A 30 2.92 14.21 1.38
C VAL A 30 4.24 13.52 1.74
N LEU A 31 4.22 12.19 1.71
CA LEU A 31 5.38 11.37 2.04
C LEU A 31 5.96 10.70 0.79
N PRO A 32 7.25 10.32 0.83
CA PRO A 32 7.92 9.68 -0.32
C PRO A 32 7.12 8.59 -1.07
N PRO A 33 6.38 7.69 -0.37
CA PRO A 33 5.58 6.75 -1.17
C PRO A 33 4.52 7.42 -2.03
N ASP A 34 4.08 8.61 -1.63
CA ASP A 34 3.07 9.37 -2.40
C ASP A 34 3.66 10.02 -3.67
N THR A 35 4.98 9.97 -3.83
CA THR A 35 5.66 10.73 -4.89
C THR A 35 5.84 9.95 -6.20
N ASN A 36 6.32 10.66 -7.23
CA ASN A 36 6.62 10.04 -8.51
C ASN A 36 8.10 10.17 -8.92
N HIS A 37 8.36 9.73 -10.15
CA HIS A 37 9.69 9.75 -10.78
C HIS A 37 10.21 11.15 -11.12
N LEU A 38 9.47 12.19 -10.71
CA LEU A 38 9.81 13.57 -11.05
C LEU A 38 9.94 14.52 -9.84
N GLY A 39 9.76 13.98 -8.64
CA GLY A 39 10.00 14.74 -7.40
C GLY A 39 8.75 15.19 -6.65
N THR A 40 7.65 15.36 -7.39
CA THR A 40 6.41 15.85 -6.80
C THR A 40 5.47 14.70 -6.50
N ILE A 41 4.24 15.01 -6.11
CA ILE A 41 3.25 14.00 -5.81
C ILE A 41 2.76 13.33 -7.10
N PHE A 42 2.81 12.00 -7.13
CA PHE A 42 2.25 11.20 -8.22
C PHE A 42 0.78 11.57 -8.44
N GLY A 43 0.46 11.93 -9.67
CA GLY A 43 -0.87 12.41 -10.03
C GLY A 43 -1.95 11.39 -9.73
N GLY A 44 -1.58 10.11 -9.81
CA GLY A 44 -2.51 9.01 -9.57
C GLY A 44 -2.95 8.90 -8.13
N LYS A 45 -2.12 9.40 -7.21
CA LYS A 45 -2.49 9.48 -5.81
C LYS A 45 -3.48 10.63 -5.57
N VAL A 46 -3.24 11.77 -6.20
CA VAL A 46 -4.11 12.94 -6.09
C VAL A 46 -5.53 12.62 -6.53
N LEU A 47 -5.65 11.87 -7.62
CA LEU A 47 -6.93 11.45 -8.18
C LEU A 47 -7.69 10.52 -7.25
N ALA A 48 -6.96 9.65 -6.57
CA ALA A 48 -7.54 8.73 -5.59
C ALA A 48 -8.10 9.52 -4.40
N TYR A 49 -7.37 10.53 -3.96
CA TYR A 49 -7.84 11.38 -2.87
C TYR A 49 -9.07 12.16 -3.32
N ILE A 50 -9.03 12.65 -4.55
CA ILE A 50 -10.14 13.40 -5.14
C ILE A 50 -11.40 12.55 -5.13
N ASP A 51 -11.32 11.35 -5.70
CA ASP A 51 -12.47 10.46 -5.81
C ASP A 51 -13.05 10.15 -4.44
N GLU A 52 -12.17 9.97 -3.46
CA GLU A 52 -12.56 9.62 -2.11
C GLU A 52 -13.34 10.73 -1.43
N ILE A 53 -12.83 11.96 -1.49
CA ILE A 53 -13.49 13.09 -0.84
C ILE A 53 -14.77 13.49 -1.57
N ALA A 54 -14.81 13.24 -2.87
CA ALA A 54 -16.03 13.42 -3.66
C ALA A 54 -17.10 12.48 -3.18
N ALA A 55 -16.73 11.22 -2.92
CA ALA A 55 -17.65 10.22 -2.39
C ALA A 55 -18.17 10.62 -1.01
N LEU A 56 -17.26 11.10 -0.18
CA LEU A 56 -17.60 11.55 1.17
C LEU A 56 -18.48 12.79 1.18
N THR A 57 -18.24 13.70 0.23
CA THR A 57 -19.06 14.91 0.11
C THR A 57 -20.48 14.53 -0.29
N ALA A 58 -20.58 13.70 -1.32
CA ALA A 58 -21.85 13.24 -1.87
C ALA A 58 -22.63 12.38 -0.87
N MET A 59 -21.91 11.60 -0.07
CA MET A 59 -22.53 10.75 0.93
C MET A 59 -23.17 11.56 2.04
N LYS A 60 -22.51 12.65 2.42
CA LYS A 60 -23.04 13.56 3.44
C LYS A 60 -24.33 14.27 3.00
N HIS A 61 -24.37 14.68 1.73
CA HIS A 61 -25.54 15.36 1.19
C HIS A 61 -26.73 14.42 0.92
N ALA A 62 -26.44 13.22 0.43
CA ALA A 62 -27.49 12.30 0.00
C ALA A 62 -27.99 11.38 1.11
N ASN A 63 -27.16 11.17 2.12
CA ASN A 63 -27.41 10.20 3.20
C ASN A 63 -27.58 8.78 2.72
N SER A 64 -26.84 8.43 1.67
CA SER A 64 -26.86 7.09 1.12
C SER A 64 -25.52 6.79 0.49
N ALA A 65 -25.38 5.55 0.02
CA ALA A 65 -24.21 5.13 -0.73
C ALA A 65 -24.16 5.90 -2.05
N VAL A 66 -22.96 6.10 -2.58
CA VAL A 66 -22.79 6.84 -3.82
C VAL A 66 -21.84 6.16 -4.79
N VAL A 67 -22.00 6.46 -6.07
CA VAL A 67 -21.03 6.05 -7.09
C VAL A 67 -20.57 7.26 -7.88
N THR A 68 -19.34 7.20 -8.37
CA THR A 68 -18.84 8.23 -9.27
C THR A 68 -19.32 7.89 -10.68
N ALA A 69 -20.36 8.60 -11.12
CA ALA A 69 -20.91 8.43 -12.47
C ALA A 69 -19.87 8.82 -13.51
N SER A 70 -19.35 10.04 -13.43
CA SER A 70 -18.38 10.52 -14.39
C SER A 70 -17.52 11.62 -13.78
N ILE A 71 -16.43 11.95 -14.47
CA ILE A 71 -15.61 13.09 -14.11
C ILE A 71 -15.64 14.09 -15.26
N ASP A 72 -16.05 15.32 -14.97
CA ASP A 72 -16.12 16.37 -15.98
C ASP A 72 -14.73 16.81 -16.42
N SER A 73 -13.89 17.16 -15.44
CA SER A 73 -12.56 17.68 -15.71
C SER A 73 -11.65 17.58 -14.49
N VAL A 74 -10.35 17.52 -14.74
CA VAL A 74 -9.34 17.68 -13.69
C VAL A 74 -8.29 18.64 -14.24
N ASP A 75 -8.10 19.77 -13.57
CA ASP A 75 -7.07 20.75 -13.97
C ASP A 75 -5.88 20.71 -13.03
N PHE A 76 -4.74 20.26 -13.55
CA PHE A 76 -3.52 20.26 -12.78
C PHE A 76 -2.78 21.58 -12.96
N LYS A 77 -2.92 22.46 -11.97
CA LYS A 77 -2.27 23.76 -12.01
C LYS A 77 -0.80 23.65 -11.66
N SER A 78 -0.50 22.73 -10.75
CA SER A 78 0.82 22.56 -10.13
C SER A 78 0.72 21.26 -9.32
N SER A 79 1.76 20.91 -8.58
CA SER A 79 1.72 19.74 -7.69
C SER A 79 2.59 19.88 -6.44
N ALA A 80 2.16 19.23 -5.36
CA ALA A 80 2.82 19.30 -4.06
C ALA A 80 4.16 18.55 -4.00
N THR A 81 5.01 18.95 -3.06
CA THR A 81 6.31 18.31 -2.84
C THR A 81 6.28 17.52 -1.53
N VAL A 82 7.23 16.60 -1.35
CA VAL A 82 7.42 15.92 -0.06
C VAL A 82 7.46 16.92 1.09
N GLY A 83 6.77 16.57 2.18
CA GLY A 83 6.75 17.40 3.37
C GLY A 83 5.66 18.45 3.36
N ASP A 84 4.98 18.58 2.23
CA ASP A 84 3.88 19.53 2.13
C ASP A 84 2.64 18.97 2.77
N ALA A 85 1.81 19.88 3.27
CA ALA A 85 0.46 19.52 3.64
C ALA A 85 -0.37 19.58 2.36
N LEU A 86 -1.13 18.53 2.12
CA LEU A 86 -2.06 18.54 1.00
C LEU A 86 -3.46 18.79 1.52
N GLU A 87 -4.07 19.88 1.09
CA GLU A 87 -5.40 20.28 1.57
C GLU A 87 -6.46 20.05 0.50
N LEU A 88 -7.43 19.20 0.82
CA LEU A 88 -8.56 18.95 -0.07
C LEU A 88 -9.86 19.52 0.49
N GLU A 89 -10.64 20.13 -0.39
CA GLU A 89 -11.97 20.59 -0.05
C GLU A 89 -12.94 20.12 -1.12
N GLY A 90 -14.03 19.49 -0.68
CA GLY A 90 -15.11 19.11 -1.58
C GLY A 90 -16.45 19.63 -1.10
N PHE A 91 -17.30 20.04 -2.04
CA PHE A 91 -18.70 20.32 -1.74
C PHE A 91 -19.64 20.09 -2.93
N VAL A 92 -20.93 19.99 -2.65
CA VAL A 92 -21.95 19.80 -3.68
C VAL A 92 -22.39 21.16 -4.20
N THR A 93 -22.37 21.33 -5.52
CA THR A 93 -22.61 22.63 -6.13
C THR A 93 -23.98 22.76 -6.78
N HIS A 94 -24.52 21.64 -7.25
CA HIS A 94 -25.78 21.62 -7.97
C HIS A 94 -26.26 20.19 -8.02
N THR A 95 -27.57 19.99 -8.14
CA THR A 95 -28.12 18.62 -8.16
C THR A 95 -29.09 18.37 -9.30
N GLY A 96 -29.30 17.08 -9.60
CA GLY A 96 -30.35 16.62 -10.50
C GLY A 96 -31.30 15.74 -9.72
N ARG A 97 -32.18 15.04 -10.43
CA ARG A 97 -33.09 14.07 -9.83
C ARG A 97 -32.35 13.16 -8.84
N THR A 98 -31.26 12.53 -9.31
CA THR A 98 -30.51 11.57 -8.50
C THR A 98 -29.01 11.85 -8.48
N SER A 99 -28.60 12.90 -9.17
CA SER A 99 -27.17 13.21 -9.33
C SER A 99 -26.74 14.47 -8.58
N MET A 100 -25.44 14.56 -8.30
CA MET A 100 -24.87 15.72 -7.64
C MET A 100 -23.54 16.07 -8.27
N GLU A 101 -23.39 17.33 -8.65
CA GLU A 101 -22.10 17.82 -9.11
C GLU A 101 -21.24 18.14 -7.91
N VAL A 102 -20.08 17.50 -7.83
CA VAL A 102 -19.15 17.75 -6.73
C VAL A 102 -17.90 18.43 -7.26
N TYR A 103 -17.59 19.57 -6.65
CA TYR A 103 -16.39 20.34 -6.94
C TYR A 103 -15.33 20.08 -5.88
N VAL A 104 -14.13 19.72 -6.32
CA VAL A 104 -13.02 19.49 -5.41
C VAL A 104 -11.81 20.33 -5.80
N ARG A 105 -11.24 21.04 -4.82
CA ARG A 105 -10.00 21.76 -5.04
C ARG A 105 -8.93 21.35 -4.05
N VAL A 106 -7.73 21.18 -4.57
CA VAL A 106 -6.61 20.62 -3.82
C VAL A 106 -5.54 21.68 -3.71
N HIS A 107 -5.20 22.06 -2.48
CA HIS A 107 -4.14 23.05 -2.22
C HIS A 107 -2.91 22.39 -1.63
N SER A 108 -1.74 22.74 -2.17
CA SER A 108 -0.48 22.38 -1.55
C SER A 108 -0.18 23.44 -0.50
N ASN A 109 0.33 23.00 0.64
CA ASN A 109 0.67 23.94 1.70
C ASN A 109 1.95 23.54 2.39
N ASN A 110 2.99 24.36 2.19
CA ASN A 110 4.27 24.19 2.88
C ASN A 110 4.19 24.92 4.21
N LEU A 111 3.91 24.17 5.27
CA LEU A 111 3.73 24.79 6.60
C LEU A 111 4.96 25.55 7.11
N LEU A 112 6.15 25.04 6.80
CA LEU A 112 7.40 25.66 7.26
C LEU A 112 7.56 27.08 6.72
N THR A 113 7.27 27.27 5.44
CA THR A 113 7.46 28.56 4.78
C THR A 113 6.16 29.37 4.72
N GLY A 114 5.05 28.72 5.07
CA GLY A 114 3.73 29.34 5.03
C GLY A 114 3.28 29.70 3.62
N GLU A 115 3.59 28.84 2.66
CA GLU A 115 3.21 29.06 1.26
C GLU A 115 2.11 28.09 0.85
N ARG A 116 0.96 28.66 0.48
CA ARG A 116 -0.22 27.90 0.07
C ARG A 116 -0.51 28.15 -1.41
N THR A 117 -0.60 27.07 -2.19
CA THR A 117 -0.74 27.15 -3.65
C THR A 117 -1.88 26.24 -4.13
N LEU A 118 -2.71 26.73 -5.06
CA LEU A 118 -3.74 25.90 -5.67
C LEU A 118 -3.13 24.87 -6.64
N THR A 119 -3.33 23.59 -6.34
CA THR A 119 -2.69 22.49 -7.05
C THR A 119 -3.62 21.87 -8.11
N THR A 120 -4.85 21.59 -7.71
CA THR A 120 -5.79 20.90 -8.58
C THR A 120 -7.22 21.42 -8.41
N GLU A 121 -8.01 21.31 -9.48
CA GLU A 121 -9.45 21.56 -9.46
C GLU A 121 -10.15 20.43 -10.21
N SER A 122 -11.38 20.12 -9.82
CA SER A 122 -12.13 19.02 -10.44
C SER A 122 -13.64 19.06 -10.23
N PHE A 123 -14.37 18.62 -11.25
CA PHE A 123 -15.82 18.50 -11.20
C PHE A 123 -16.25 17.05 -11.49
N LEU A 124 -17.07 16.49 -10.60
CA LEU A 124 -17.52 15.12 -10.78
C LEU A 124 -19.03 15.07 -10.73
N THR A 125 -19.62 14.07 -11.37
CA THR A 125 -21.03 13.73 -11.16
C THR A 125 -21.11 12.48 -10.29
N MET A 126 -21.79 12.62 -9.15
CA MET A 126 -21.96 11.55 -8.20
C MET A 126 -23.43 11.19 -8.13
N VAL A 127 -23.71 9.89 -8.18
CA VAL A 127 -25.07 9.39 -8.15
C VAL A 127 -25.29 8.64 -6.84
N ALA A 128 -26.36 9.01 -6.14
CA ALA A 128 -26.75 8.32 -4.93
C ALA A 128 -27.45 7.02 -5.27
N VAL A 129 -27.16 5.97 -4.51
CA VAL A 129 -27.72 4.64 -4.82
C VAL A 129 -28.32 3.95 -3.58
N ASP A 130 -29.36 3.16 -3.81
CA ASP A 130 -29.93 2.34 -2.74
C ASP A 130 -29.07 1.11 -2.49
N GLU A 131 -29.57 0.20 -1.64
CA GLU A 131 -28.82 -0.98 -1.22
C GLU A 131 -28.54 -1.97 -2.37
N SER A 132 -29.39 -1.96 -3.40
CA SER A 132 -29.19 -2.85 -4.54
C SER A 132 -28.45 -2.19 -5.72
N GLY A 133 -27.97 -0.98 -5.49
CA GLY A 133 -27.17 -0.25 -6.49
C GLY A 133 -27.97 0.62 -7.45
N LYS A 134 -29.30 0.63 -7.32
CA LYS A 134 -30.17 1.45 -8.15
C LYS A 134 -30.15 2.93 -7.71
N PRO A 135 -29.97 3.86 -8.66
CA PRO A 135 -29.99 5.31 -8.39
C PRO A 135 -31.28 5.78 -7.71
N LYS A 136 -31.15 6.61 -6.68
CA LYS A 136 -32.30 7.11 -5.91
C LYS A 136 -32.30 8.65 -5.73
N PRO A 137 -33.48 9.25 -5.50
CA PRO A 137 -33.57 10.71 -5.43
C PRO A 137 -32.65 11.34 -4.37
N VAL A 138 -32.01 12.45 -4.73
CA VAL A 138 -31.20 13.22 -3.79
C VAL A 138 -31.88 14.55 -3.47
N PRO A 139 -31.71 15.05 -2.23
CA PRO A 139 -32.18 16.39 -1.92
C PRO A 139 -31.45 17.44 -2.72
N GLN A 140 -32.08 18.61 -2.88
CA GLN A 140 -31.50 19.75 -3.61
C GLN A 140 -30.51 20.51 -2.74
N VAL A 141 -29.71 21.37 -3.36
CA VAL A 141 -28.69 22.11 -2.63
C VAL A 141 -28.91 23.62 -2.69
N GLU A 142 -28.55 24.32 -1.60
CA GLU A 142 -28.71 25.79 -1.50
C GLU A 142 -27.38 26.54 -1.41
N PRO A 143 -27.02 27.28 -2.47
CA PRO A 143 -25.81 28.12 -2.46
C PRO A 143 -25.97 29.31 -1.51
N GLN A 144 -24.91 29.65 -0.77
CA GLN A 144 -24.99 30.68 0.28
C GLN A 144 -24.02 31.84 0.09
N THR A 145 -22.73 31.50 0.00
CA THR A 145 -21.66 32.47 -0.28
C THR A 145 -21.75 32.92 -1.75
N GLU A 146 -21.01 33.97 -2.10
CA GLU A 146 -21.01 34.46 -3.49
C GLU A 146 -20.27 33.52 -4.45
N GLU A 147 -19.32 32.76 -3.92
CA GLU A 147 -18.62 31.76 -4.73
C GLU A 147 -19.52 30.56 -5.01
N GLU A 148 -20.21 30.08 -3.97
CA GLU A 148 -21.18 28.99 -4.08
C GLU A 148 -22.35 29.31 -5.02
N LYS A 149 -22.82 30.55 -4.96
CA LYS A 149 -23.89 31.00 -5.84
C LYS A 149 -23.45 31.03 -7.29
N ARG A 150 -22.21 31.45 -7.50
CA ARG A 150 -21.64 31.55 -8.84
C ARG A 150 -21.53 30.18 -9.49
N LEU A 151 -21.04 29.21 -8.72
CA LEU A 151 -20.94 27.81 -9.15
C LEU A 151 -22.30 27.21 -9.45
N TYR A 152 -23.29 27.53 -8.60
CA TYR A 152 -24.66 27.07 -8.79
C TYR A 152 -25.25 27.63 -10.07
N GLU A 153 -25.04 28.92 -10.31
CA GLU A 153 -25.59 29.61 -11.48
C GLU A 153 -25.03 29.08 -12.80
N THR A 154 -23.75 28.72 -12.78
CA THR A 154 -23.04 28.30 -13.99
C THR A 154 -23.06 26.78 -14.19
N ALA A 155 -23.69 26.06 -13.27
CA ALA A 155 -23.76 24.61 -13.32
C ALA A 155 -24.52 24.06 -14.54
N PRO A 156 -25.74 24.59 -14.82
CA PRO A 156 -26.45 24.10 -16.01
C PRO A 156 -25.61 24.15 -17.29
N ALA A 157 -24.82 25.21 -17.45
CA ALA A 157 -23.96 25.39 -18.61
C ALA A 157 -22.88 24.30 -18.70
N ARG A 158 -22.35 23.88 -17.55
CA ARG A 158 -21.38 22.80 -17.49
C ARG A 158 -21.96 21.45 -17.91
N LYS A 159 -23.22 21.19 -17.56
CA LYS A 159 -23.91 19.96 -17.91
C LYS A 159 -24.14 19.92 -19.41
N GLU A 160 -24.48 21.08 -19.97
CA GLU A 160 -24.69 21.22 -21.41
C GLU A 160 -23.40 20.94 -22.18
N ASN A 161 -22.30 21.54 -21.72
CA ASN A 161 -20.97 21.30 -22.28
C ASN A 161 -20.58 19.82 -22.18
N ARG A 162 -20.92 19.21 -21.04
CA ARG A 162 -20.65 17.81 -20.79
C ARG A 162 -21.49 16.91 -21.69
N LYS A 163 -22.75 17.29 -21.91
CA LYS A 163 -23.64 16.55 -22.81
C LYS A 163 -23.13 16.58 -24.24
N LYS A 164 -22.71 17.75 -24.70
CA LYS A 164 -22.15 17.91 -26.04
C LYS A 164 -20.77 17.26 -26.19
N ARG A 165 -20.05 17.17 -25.08
CA ARG A 165 -18.76 16.47 -25.01
C ARG A 165 -18.90 14.98 -25.35
N ALA A 166 -19.92 14.34 -24.77
CA ALA A 166 -20.19 12.91 -24.97
C ALA A 166 -20.51 12.58 -26.43
N ALA A 167 -21.06 13.57 -27.13
CA ALA A 167 -21.41 13.43 -28.53
C ALA A 167 -20.19 13.48 -29.46
N LEU A 168 -19.07 14.01 -28.95
CA LEU A 168 -17.87 14.24 -29.76
C LEU A 168 -16.93 13.03 -29.87
N ARG A 169 -17.46 11.95 -30.44
CA ARG A 169 -16.69 10.71 -30.65
C ARG A 169 -16.82 10.22 -32.08
N ILE B 14 7.84 18.40 -37.15
CA ILE B 14 8.62 17.86 -38.32
C ILE B 14 8.67 16.32 -38.30
N GLN B 15 8.44 15.74 -37.12
CA GLN B 15 8.52 14.29 -36.93
C GLN B 15 7.13 13.64 -36.90
N SER B 16 7.06 12.39 -37.38
CA SER B 16 5.81 11.65 -37.45
C SER B 16 5.98 10.18 -37.01
N TYR B 17 4.97 9.63 -36.33
CA TYR B 17 4.95 8.23 -35.90
C TYR B 17 3.52 7.66 -35.90
N PRO B 18 3.38 6.36 -36.20
CA PRO B 18 2.03 5.76 -36.16
C PRO B 18 1.51 5.60 -34.74
N VAL B 19 0.19 5.63 -34.58
CA VAL B 19 -0.45 5.42 -33.27
C VAL B 19 0.14 4.18 -32.60
N GLU B 20 0.25 3.10 -33.37
CA GLU B 20 0.74 1.79 -32.93
C GLU B 20 1.98 1.83 -32.03
N ARG B 21 2.84 2.82 -32.24
CA ARG B 21 4.06 2.97 -31.47
C ARG B 21 3.79 3.31 -30.00
N SER B 22 2.83 4.19 -29.74
CA SER B 22 2.52 4.66 -28.38
C SER B 22 1.62 3.71 -27.57
N ARG B 23 0.94 2.81 -28.27
CA ARG B 23 -0.02 1.90 -27.64
C ARG B 23 0.58 1.13 -26.48
N THR B 24 -0.13 1.15 -25.36
CA THR B 24 0.33 0.52 -24.13
C THR B 24 -0.79 -0.34 -23.59
N ILE B 25 -0.46 -1.59 -23.27
CA ILE B 25 -1.42 -2.55 -22.73
C ILE B 25 -1.09 -2.85 -21.27
N GLN B 26 -2.14 -2.95 -20.45
CA GLN B 26 -2.00 -3.34 -19.06
C GLN B 26 -3.10 -4.33 -18.66
N THR B 27 -2.71 -5.42 -17.99
CA THR B 27 -3.66 -6.41 -17.49
C THR B 27 -3.47 -6.63 -15.99
N ARG B 28 -4.54 -6.38 -15.25
CA ARG B 28 -4.52 -6.48 -13.80
C ARG B 28 -5.48 -7.57 -13.31
N LEU B 29 -5.15 -8.15 -12.16
CA LEU B 29 -6.07 -9.03 -11.46
C LEU B 29 -6.66 -8.28 -10.27
N VAL B 30 -7.98 -8.17 -10.22
CA VAL B 30 -8.67 -7.44 -9.16
C VAL B 30 -8.70 -8.26 -7.86
N LEU B 31 -8.03 -7.74 -6.85
CA LEU B 31 -7.94 -8.40 -5.54
C LEU B 31 -8.61 -7.55 -4.45
N PRO B 32 -9.01 -8.19 -3.33
CA PRO B 32 -9.69 -7.49 -2.22
C PRO B 32 -9.16 -6.09 -1.84
N PRO B 33 -7.83 -5.90 -1.68
CA PRO B 33 -7.36 -4.54 -1.33
C PRO B 33 -7.71 -3.47 -2.36
N ASP B 34 -8.03 -3.90 -3.59
CA ASP B 34 -8.42 -2.99 -4.67
C ASP B 34 -9.91 -2.64 -4.64
N THR B 35 -10.70 -3.37 -3.85
CA THR B 35 -12.15 -3.19 -3.82
C THR B 35 -12.59 -2.05 -2.90
N ASN B 36 -13.89 -1.74 -2.96
CA ASN B 36 -14.48 -0.71 -2.11
C ASN B 36 -15.56 -1.29 -1.19
N HIS B 37 -16.29 -0.39 -0.53
CA HIS B 37 -17.35 -0.74 0.42
C HIS B 37 -18.65 -1.26 -0.22
N LEU B 38 -18.60 -1.62 -1.50
CA LEU B 38 -19.77 -2.11 -2.23
C LEU B 38 -19.52 -3.36 -3.05
N GLY B 39 -18.35 -3.99 -2.86
CA GLY B 39 -18.03 -5.24 -3.54
C GLY B 39 -17.57 -5.10 -4.98
N THR B 40 -17.35 -3.85 -5.40
CA THR B 40 -16.85 -3.53 -6.74
C THR B 40 -15.42 -3.02 -6.60
N ILE B 41 -14.75 -2.74 -7.71
CA ILE B 41 -13.44 -2.09 -7.67
C ILE B 41 -13.57 -0.61 -7.28
N PHE B 42 -12.83 -0.22 -6.25
CA PHE B 42 -12.70 1.18 -5.85
C PHE B 42 -12.27 2.04 -7.05
N GLY B 43 -13.11 3.03 -7.35
CA GLY B 43 -12.93 3.89 -8.50
C GLY B 43 -11.62 4.64 -8.47
N GLY B 44 -11.14 4.90 -7.25
CA GLY B 44 -9.87 5.60 -7.03
C GLY B 44 -8.65 4.83 -7.51
N LYS B 45 -8.74 3.50 -7.47
CA LYS B 45 -7.71 2.63 -8.02
C LYS B 45 -7.70 2.70 -9.55
N VAL B 46 -8.87 2.59 -10.16
CA VAL B 46 -9.03 2.67 -11.63
C VAL B 46 -8.37 3.95 -12.20
N LEU B 47 -8.67 5.09 -11.58
CA LEU B 47 -8.10 6.37 -11.96
C LEU B 47 -6.58 6.40 -11.88
N ALA B 48 -6.05 5.79 -10.83
CA ALA B 48 -4.60 5.63 -10.68
C ALA B 48 -4.02 4.81 -11.83
N TYR B 49 -4.68 3.71 -12.19
CA TYR B 49 -4.25 2.87 -13.30
C TYR B 49 -4.33 3.63 -14.60
N ILE B 50 -5.40 4.41 -14.78
CA ILE B 50 -5.56 5.25 -15.96
C ILE B 50 -4.38 6.22 -16.09
N ASP B 51 -4.05 6.88 -14.99
CA ASP B 51 -3.00 7.90 -15.02
C ASP B 51 -1.62 7.33 -15.34
N GLU B 52 -1.34 6.14 -14.82
CA GLU B 52 -0.04 5.49 -15.00
C GLU B 52 0.16 5.05 -16.45
N ILE B 53 -0.91 4.54 -17.05
CA ILE B 53 -0.84 4.04 -18.41
C ILE B 53 -0.83 5.18 -19.41
N ALA B 54 -1.51 6.28 -19.07
CA ALA B 54 -1.51 7.46 -19.90
C ALA B 54 -0.12 8.06 -19.94
N ALA B 55 0.56 8.00 -18.79
CA ALA B 55 1.92 8.51 -18.64
C ALA B 55 2.90 7.65 -19.44
N LEU B 56 2.71 6.33 -19.40
CA LEU B 56 3.53 5.41 -20.20
C LEU B 56 3.28 5.63 -21.69
N THR B 57 2.00 5.70 -22.07
CA THR B 57 1.59 5.93 -23.46
C THR B 57 2.28 7.15 -24.05
N ALA B 58 2.19 8.27 -23.33
CA ALA B 58 2.75 9.54 -23.78
C ALA B 58 4.27 9.50 -23.86
N MET B 59 4.88 8.88 -22.85
CA MET B 59 6.34 8.70 -22.81
C MET B 59 6.83 7.91 -24.01
N LYS B 60 6.10 6.84 -24.36
CA LYS B 60 6.45 6.01 -25.52
C LYS B 60 6.43 6.78 -26.84
N HIS B 61 5.50 7.74 -26.95
CA HIS B 61 5.37 8.54 -28.17
C HIS B 61 6.38 9.70 -28.25
N ALA B 62 6.74 10.26 -27.09
CA ALA B 62 7.57 11.46 -27.03
C ALA B 62 9.04 11.16 -26.76
N ASN B 63 9.32 9.98 -26.22
CA ASN B 63 10.65 9.61 -25.71
C ASN B 63 11.20 10.60 -24.68
N SER B 64 10.32 11.17 -23.87
CA SER B 64 10.74 12.09 -22.81
C SER B 64 9.82 11.95 -21.62
N ALA B 65 10.18 12.61 -20.53
CA ALA B 65 9.31 12.69 -19.35
C ALA B 65 8.03 13.43 -19.74
N VAL B 66 6.93 13.08 -19.07
CA VAL B 66 5.63 13.68 -19.36
C VAL B 66 4.96 14.17 -18.07
N VAL B 67 4.10 15.17 -18.21
CA VAL B 67 3.21 15.57 -17.11
C VAL B 67 1.77 15.54 -17.60
N THR B 68 0.87 15.05 -16.74
CA THR B 68 -0.54 15.11 -17.03
C THR B 68 -0.97 16.56 -16.89
N ALA B 69 -1.27 17.21 -18.02
CA ALA B 69 -1.75 18.58 -18.01
C ALA B 69 -3.16 18.65 -17.43
N SER B 70 -4.04 17.77 -17.92
CA SER B 70 -5.42 17.72 -17.48
C SER B 70 -6.15 16.47 -17.94
N ILE B 71 -7.16 16.07 -17.17
CA ILE B 71 -8.09 15.04 -17.58
C ILE B 71 -9.35 15.70 -18.13
N ASP B 72 -9.73 15.31 -19.34
CA ASP B 72 -10.80 15.97 -20.08
C ASP B 72 -12.14 15.32 -19.86
N SER B 73 -12.13 14.10 -19.33
CA SER B 73 -13.33 13.38 -18.92
C SER B 73 -12.97 11.97 -18.51
N VAL B 74 -13.73 11.44 -17.55
CA VAL B 74 -13.71 10.01 -17.25
C VAL B 74 -15.14 9.53 -17.27
N ASP B 75 -15.36 8.36 -17.84
CA ASP B 75 -16.72 7.86 -18.00
C ASP B 75 -16.86 6.45 -17.43
N PHE B 76 -17.39 6.37 -16.21
CA PHE B 76 -17.59 5.10 -15.54
C PHE B 76 -18.89 4.45 -15.99
N LYS B 77 -18.80 3.50 -16.91
CA LYS B 77 -19.97 2.81 -17.42
C LYS B 77 -20.39 1.64 -16.53
N SER B 78 -19.41 0.79 -16.21
CA SER B 78 -19.59 -0.33 -15.29
C SER B 78 -18.33 -0.38 -14.41
N SER B 79 -18.07 -1.51 -13.76
CA SER B 79 -16.84 -1.69 -12.99
C SER B 79 -16.55 -3.15 -12.61
N ALA B 80 -15.27 -3.46 -12.46
CA ALA B 80 -14.83 -4.84 -12.22
C ALA B 80 -15.08 -5.35 -10.79
N THR B 81 -15.16 -6.67 -10.67
CA THR B 81 -15.37 -7.35 -9.40
C THR B 81 -14.12 -8.14 -9.04
N VAL B 82 -14.00 -8.58 -7.79
CA VAL B 82 -12.92 -9.48 -7.38
C VAL B 82 -12.82 -10.66 -8.34
N GLY B 83 -11.60 -10.96 -8.75
CA GLY B 83 -11.33 -12.10 -9.62
C GLY B 83 -11.35 -11.76 -11.10
N ASP B 84 -11.98 -10.63 -11.44
CA ASP B 84 -12.00 -10.14 -12.81
C ASP B 84 -10.61 -9.78 -13.28
N ALA B 85 -10.44 -9.67 -14.59
CA ALA B 85 -9.25 -9.06 -15.16
C ALA B 85 -9.58 -7.64 -15.60
N LEU B 86 -8.73 -6.69 -15.20
CA LEU B 86 -8.80 -5.33 -15.72
C LEU B 86 -7.92 -5.22 -16.95
N GLU B 87 -8.54 -4.89 -18.07
CA GLU B 87 -7.81 -4.68 -19.32
C GLU B 87 -7.77 -3.19 -19.65
N LEU B 88 -6.57 -2.63 -19.63
CA LEU B 88 -6.40 -1.21 -19.93
C LEU B 88 -5.65 -1.04 -21.23
N GLU B 89 -6.14 -0.14 -22.07
CA GLU B 89 -5.44 0.24 -23.29
C GLU B 89 -5.35 1.75 -23.39
N GLY B 90 -4.14 2.24 -23.53
CA GLY B 90 -3.93 3.64 -23.85
C GLY B 90 -3.31 3.74 -25.22
N PHE B 91 -3.64 4.81 -25.94
CA PHE B 91 -2.88 5.22 -27.12
C PHE B 91 -3.06 6.70 -27.40
N VAL B 92 -2.12 7.27 -28.14
CA VAL B 92 -2.20 8.68 -28.52
C VAL B 92 -3.14 8.83 -29.72
N THR B 93 -4.10 9.73 -29.59
CA THR B 93 -5.11 9.93 -30.62
C THR B 93 -4.80 11.15 -31.48
N HIS B 94 -4.28 12.20 -30.85
CA HIS B 94 -4.02 13.47 -31.52
C HIS B 94 -2.92 14.24 -30.81
N THR B 95 -2.26 15.13 -31.54
CA THR B 95 -1.14 15.90 -31.00
C THR B 95 -1.30 17.39 -31.24
N GLY B 96 -0.76 18.18 -30.32
CA GLY B 96 -0.57 19.61 -30.52
C GLY B 96 0.91 19.86 -30.70
N ARG B 97 1.32 21.12 -30.58
CA ARG B 97 2.73 21.50 -30.71
C ARG B 97 3.60 20.75 -29.68
N THR B 98 3.16 20.77 -28.42
CA THR B 98 3.87 20.11 -27.33
C THR B 98 2.98 19.15 -26.54
N SER B 99 1.69 19.12 -26.88
CA SER B 99 0.70 18.31 -26.17
C SER B 99 0.27 17.05 -26.93
N MET B 100 -0.27 16.08 -26.21
CA MET B 100 -0.78 14.85 -26.81
C MET B 100 -2.07 14.42 -26.13
N GLU B 101 -3.10 14.16 -26.93
CA GLU B 101 -4.34 13.59 -26.40
C GLU B 101 -4.19 12.08 -26.26
N VAL B 102 -4.42 11.58 -25.04
CA VAL B 102 -4.35 10.16 -24.77
C VAL B 102 -5.72 9.64 -24.40
N TYR B 103 -6.15 8.62 -25.13
CA TYR B 103 -7.41 7.93 -24.86
C TYR B 103 -7.10 6.63 -24.14
N VAL B 104 -7.77 6.42 -23.01
CA VAL B 104 -7.61 5.19 -22.25
C VAL B 104 -8.98 4.51 -22.11
N ARG B 105 -9.04 3.23 -22.47
CA ARG B 105 -10.26 2.45 -22.23
C ARG B 105 -9.97 1.24 -21.37
N VAL B 106 -10.94 0.91 -20.52
CA VAL B 106 -10.78 -0.11 -19.50
C VAL B 106 -11.89 -1.14 -19.63
N HIS B 107 -11.51 -2.41 -19.64
CA HIS B 107 -12.45 -3.54 -19.78
C HIS B 107 -12.35 -4.51 -18.60
N SER B 108 -13.50 -4.90 -18.07
CA SER B 108 -13.54 -6.00 -17.11
C SER B 108 -13.66 -7.30 -17.89
N ASN B 109 -12.77 -8.25 -17.61
CA ASN B 109 -12.81 -9.56 -18.26
C ASN B 109 -12.81 -10.66 -17.20
N ASN B 110 -13.96 -11.33 -17.07
CA ASN B 110 -14.08 -12.47 -16.18
C ASN B 110 -13.71 -13.73 -16.96
N LEU B 111 -12.51 -14.25 -16.70
CA LEU B 111 -11.94 -15.38 -17.46
C LEU B 111 -12.67 -16.71 -17.24
N LEU B 112 -13.41 -16.81 -16.13
CA LEU B 112 -14.17 -18.00 -15.79
C LEU B 112 -15.37 -18.23 -16.74
N THR B 113 -16.14 -17.18 -16.99
CA THR B 113 -17.34 -17.28 -17.84
C THR B 113 -17.15 -16.65 -19.23
N GLY B 114 -16.06 -15.92 -19.43
CA GLY B 114 -15.75 -15.33 -20.73
C GLY B 114 -16.50 -14.05 -21.03
N GLU B 115 -17.25 -13.55 -20.06
CA GLU B 115 -17.96 -12.28 -20.20
C GLU B 115 -16.99 -11.08 -20.15
N ARG B 116 -17.14 -10.19 -21.12
CA ARG B 116 -16.27 -9.02 -21.24
C ARG B 116 -17.08 -7.74 -21.42
N THR B 117 -16.79 -6.74 -20.59
CA THR B 117 -17.57 -5.51 -20.52
C THR B 117 -16.69 -4.26 -20.48
N LEU B 118 -17.06 -3.26 -21.27
CA LEU B 118 -16.41 -1.95 -21.22
C LEU B 118 -16.75 -1.22 -19.92
N THR B 119 -15.71 -0.98 -19.11
CA THR B 119 -15.83 -0.46 -17.76
C THR B 119 -15.71 1.06 -17.75
N THR B 120 -14.67 1.56 -18.41
CA THR B 120 -14.30 2.97 -18.32
C THR B 120 -13.70 3.50 -19.63
N GLU B 121 -13.94 4.78 -19.90
CA GLU B 121 -13.31 5.51 -20.99
C GLU B 121 -12.80 6.83 -20.45
N SER B 122 -11.66 7.29 -20.96
CA SER B 122 -11.12 8.56 -20.50
C SER B 122 -10.25 9.25 -21.55
N PHE B 123 -10.32 10.57 -21.58
CA PHE B 123 -9.46 11.39 -22.43
C PHE B 123 -8.63 12.33 -21.59
N LEU B 124 -7.32 12.26 -21.78
CA LEU B 124 -6.38 13.09 -21.02
C LEU B 124 -5.55 13.88 -22.01
N THR B 125 -5.04 15.02 -21.58
CA THR B 125 -3.98 15.68 -22.34
C THR B 125 -2.67 15.68 -21.56
N MET B 126 -1.61 15.22 -22.24
CA MET B 126 -0.28 15.08 -21.65
C MET B 126 0.69 16.02 -22.35
N VAL B 127 1.65 16.52 -21.59
CA VAL B 127 2.68 17.42 -22.11
C VAL B 127 4.05 16.79 -21.88
N ALA B 128 4.88 16.79 -22.93
CA ALA B 128 6.27 16.34 -22.83
C ALA B 128 7.12 17.43 -22.21
N VAL B 129 8.10 17.03 -21.40
CA VAL B 129 8.96 17.99 -20.70
C VAL B 129 10.43 17.57 -20.71
N ASP B 130 11.32 18.55 -20.61
CA ASP B 130 12.76 18.29 -20.60
C ASP B 130 13.31 18.19 -19.17
N GLU B 131 14.59 18.53 -19.02
CA GLU B 131 15.27 18.61 -17.72
C GLU B 131 14.54 19.57 -16.76
N SER B 132 14.24 20.77 -17.27
CA SER B 132 13.68 21.85 -16.46
C SER B 132 12.15 21.83 -16.32
N GLY B 133 11.51 20.78 -16.83
CA GLY B 133 10.06 20.65 -16.78
C GLY B 133 9.32 21.53 -17.78
N LYS B 134 10.07 22.25 -18.63
CA LYS B 134 9.48 23.08 -19.67
C LYS B 134 9.03 22.25 -20.90
N PRO B 135 7.86 22.60 -21.47
CA PRO B 135 7.31 22.07 -22.71
C PRO B 135 8.35 21.67 -23.78
N LYS B 136 8.15 20.50 -24.38
CA LYS B 136 9.07 19.97 -25.36
C LYS B 136 8.29 19.58 -26.62
N PRO B 137 8.76 20.03 -27.80
CA PRO B 137 8.11 19.65 -29.07
C PRO B 137 7.90 18.14 -29.21
N VAL B 138 6.66 17.75 -29.51
CA VAL B 138 6.30 16.35 -29.70
C VAL B 138 6.14 16.02 -31.18
N PRO B 139 6.40 14.75 -31.57
CA PRO B 139 6.11 14.34 -32.94
C PRO B 139 4.61 14.17 -33.12
N GLN B 140 4.14 14.31 -34.36
CA GLN B 140 2.72 14.11 -34.67
C GLN B 140 2.34 12.63 -34.71
N VAL B 141 1.06 12.35 -34.88
CA VAL B 141 0.58 10.98 -34.84
C VAL B 141 -0.21 10.62 -36.12
N GLU B 142 0.01 9.41 -36.62
CA GLU B 142 -0.69 8.92 -37.82
C GLU B 142 -1.69 7.84 -37.45
N PRO B 143 -2.99 8.15 -37.56
CA PRO B 143 -4.02 7.12 -37.37
C PRO B 143 -4.02 6.09 -38.49
N GLN B 144 -4.29 4.83 -38.14
CA GLN B 144 -4.21 3.72 -39.10
C GLN B 144 -5.53 2.97 -39.26
N THR B 145 -6.07 2.44 -38.17
CA THR B 145 -7.38 1.78 -38.20
C THR B 145 -8.50 2.81 -38.30
N GLU B 146 -9.72 2.35 -38.60
CA GLU B 146 -10.86 3.25 -38.77
C GLU B 146 -11.31 3.89 -37.46
N GLU B 147 -11.13 3.17 -36.35
CA GLU B 147 -11.41 3.72 -35.02
C GLU B 147 -10.39 4.81 -34.69
N GLU B 148 -9.14 4.57 -35.08
CA GLU B 148 -8.05 5.53 -34.91
C GLU B 148 -8.23 6.80 -35.74
N LYS B 149 -8.68 6.62 -36.97
CA LYS B 149 -8.93 7.75 -37.87
C LYS B 149 -10.12 8.57 -37.38
N ARG B 150 -11.14 7.87 -36.87
CA ARG B 150 -12.35 8.51 -36.37
C ARG B 150 -12.03 9.40 -35.16
N LEU B 151 -11.19 8.89 -34.26
CA LEU B 151 -10.75 9.62 -33.07
C LEU B 151 -9.89 10.84 -33.41
N TYR B 152 -8.99 10.68 -34.38
CA TYR B 152 -8.12 11.77 -34.84
C TYR B 152 -8.94 12.92 -35.43
N GLU B 153 -10.02 12.56 -36.14
CA GLU B 153 -10.87 13.55 -36.82
C GLU B 153 -11.75 14.35 -35.86
N THR B 154 -12.28 13.68 -34.84
CA THR B 154 -13.13 14.31 -33.84
C THR B 154 -12.35 14.95 -32.70
N ALA B 155 -11.02 14.95 -32.81
CA ALA B 155 -10.14 15.48 -31.77
C ALA B 155 -10.12 17.02 -31.67
N PRO B 156 -10.05 17.74 -32.81
CA PRO B 156 -10.13 19.21 -32.74
C PRO B 156 -11.42 19.73 -32.10
N ALA B 157 -12.51 18.99 -32.28
CA ALA B 157 -13.79 19.30 -31.65
C ALA B 157 -13.73 19.18 -30.12
N ARG B 158 -12.98 18.19 -29.64
CA ARG B 158 -12.78 17.97 -28.21
C ARG B 158 -11.91 19.06 -27.58
N LYS B 159 -10.93 19.55 -28.33
CA LYS B 159 -10.05 20.64 -27.88
C LYS B 159 -10.82 21.95 -27.78
N GLU B 160 -11.79 22.10 -28.68
CA GLU B 160 -12.67 23.28 -28.70
C GLU B 160 -13.65 23.25 -27.53
N ASN B 161 -14.32 22.11 -27.37
CA ASN B 161 -15.22 21.84 -26.24
C ASN B 161 -14.52 22.08 -24.91
N ARG B 162 -13.30 21.56 -24.82
CA ARG B 162 -12.46 21.66 -23.64
C ARG B 162 -12.08 23.11 -23.36
N LYS B 163 -11.80 23.87 -24.42
CA LYS B 163 -11.50 25.30 -24.29
C LYS B 163 -12.71 26.06 -23.74
N LYS B 164 -13.88 25.79 -24.32
CA LYS B 164 -15.13 26.43 -23.89
C LYS B 164 -15.53 26.09 -22.45
N ARG B 165 -15.25 24.84 -22.04
CA ARG B 165 -15.49 24.37 -20.67
C ARG B 165 -14.71 25.19 -19.63
N ALA B 166 -13.49 25.60 -19.98
CA ALA B 166 -12.62 26.38 -19.10
C ALA B 166 -13.22 27.73 -18.73
N ALA B 167 -13.90 28.36 -19.69
CA ALA B 167 -14.52 29.68 -19.48
C ALA B 167 -15.76 29.63 -18.57
N LEU B 168 -16.40 28.47 -18.47
CA LEU B 168 -17.69 28.33 -17.78
C LEU B 168 -17.58 28.24 -16.25
N ARG B 169 -17.08 29.31 -15.64
CA ARG B 169 -16.95 29.36 -14.17
C ARG B 169 -17.22 30.75 -13.60
N ILE C 14 7.66 34.75 24.20
CA ILE C 14 6.31 35.19 24.66
C ILE C 14 5.30 35.11 23.50
N GLN C 15 5.81 34.82 22.30
CA GLN C 15 5.00 34.67 21.08
C GLN C 15 3.81 33.70 21.27
N SER C 16 2.64 34.11 20.80
CA SER C 16 1.39 33.42 21.15
C SER C 16 0.33 33.37 20.04
N TYR C 17 -0.14 32.16 19.71
CA TYR C 17 -1.23 31.96 18.74
C TYR C 17 -2.44 31.23 19.33
N PRO C 18 -3.65 31.50 18.80
CA PRO C 18 -4.85 30.78 19.24
C PRO C 18 -4.86 29.30 18.81
N VAL C 19 -5.57 28.46 19.57
CA VAL C 19 -5.67 27.03 19.27
C VAL C 19 -6.19 26.77 17.85
N GLU C 20 -7.13 27.61 17.41
CA GLU C 20 -7.79 27.47 16.12
C GLU C 20 -6.82 27.41 14.94
N ARG C 21 -5.72 28.14 15.06
CA ARG C 21 -4.68 28.20 14.04
C ARG C 21 -4.05 26.81 13.79
N SER C 22 -3.84 26.04 14.85
CA SER C 22 -3.26 24.70 14.75
C SER C 22 -4.24 23.62 14.25
N ARG C 23 -5.54 23.90 14.32
CA ARG C 23 -6.56 22.90 14.08
C ARG C 23 -6.44 22.21 12.73
N THR C 24 -6.55 20.89 12.74
CA THR C 24 -6.47 20.10 11.53
C THR C 24 -7.62 19.10 11.49
N ILE C 25 -8.31 19.07 10.36
CA ILE C 25 -9.41 18.16 10.17
C ILE C 25 -9.05 17.18 9.06
N GLN C 26 -9.51 15.94 9.21
CA GLN C 26 -9.27 14.87 8.26
C GLN C 26 -10.52 14.01 8.16
N THR C 27 -10.92 13.67 6.94
CA THR C 27 -12.08 12.81 6.73
C THR C 27 -11.76 11.71 5.73
N ARG C 28 -11.60 10.49 6.22
CA ARG C 28 -11.36 9.34 5.35
C ARG C 28 -12.62 8.51 5.24
N LEU C 29 -12.66 7.65 4.22
CA LEU C 29 -13.74 6.69 4.03
C LEU C 29 -13.16 5.29 4.19
N VAL C 30 -13.81 4.47 5.01
CA VAL C 30 -13.26 3.17 5.38
C VAL C 30 -13.47 2.10 4.31
N LEU C 31 -12.39 1.74 3.64
CA LEU C 31 -12.41 0.73 2.58
C LEU C 31 -11.82 -0.59 3.08
N PRO C 32 -12.14 -1.72 2.42
CA PRO C 32 -11.64 -3.05 2.78
C PRO C 32 -10.14 -3.23 3.04
N PRO C 33 -9.25 -2.55 2.28
CA PRO C 33 -7.82 -2.62 2.66
C PRO C 33 -7.49 -2.08 4.06
N ASP C 34 -8.41 -1.32 4.67
CA ASP C 34 -8.19 -0.75 6.00
C ASP C 34 -8.72 -1.68 7.11
N THR C 35 -9.56 -2.63 6.73
CA THR C 35 -10.22 -3.51 7.70
C THR C 35 -9.28 -4.57 8.27
N ASN C 36 -9.64 -5.08 9.45
CA ASN C 36 -8.93 -6.20 10.06
C ASN C 36 -9.70 -7.51 9.97
N HIS C 37 -9.12 -8.56 10.55
CA HIS C 37 -9.66 -9.92 10.55
C HIS C 37 -10.93 -10.09 11.37
N LEU C 38 -11.62 -8.98 11.68
CA LEU C 38 -12.74 -8.98 12.63
C LEU C 38 -13.98 -8.21 12.16
N GLY C 39 -13.91 -7.62 10.97
CA GLY C 39 -15.03 -6.85 10.43
C GLY C 39 -14.87 -5.34 10.57
N THR C 40 -14.13 -4.92 11.59
CA THR C 40 -13.93 -3.50 11.86
C THR C 40 -12.59 -2.98 11.33
N ILE C 41 -12.32 -1.69 11.56
CA ILE C 41 -11.09 -1.04 11.10
C ILE C 41 -9.85 -1.53 11.87
N PHE C 42 -8.79 -1.84 11.12
CA PHE C 42 -7.53 -2.27 11.72
C PHE C 42 -6.88 -1.15 12.53
N GLY C 43 -6.75 -1.37 13.83
CA GLY C 43 -6.20 -0.39 14.77
C GLY C 43 -4.87 0.24 14.36
N GLY C 44 -4.04 -0.54 13.66
CA GLY C 44 -2.77 -0.04 13.14
C GLY C 44 -2.95 1.16 12.24
N LYS C 45 -3.86 1.02 11.27
CA LYS C 45 -4.21 2.11 10.36
C LYS C 45 -4.67 3.37 11.11
N VAL C 46 -5.46 3.16 12.17
CA VAL C 46 -5.95 4.26 13.01
C VAL C 46 -4.79 5.03 13.63
N LEU C 47 -3.82 4.30 14.16
CA LEU C 47 -2.62 4.87 14.77
C LEU C 47 -1.80 5.69 13.76
N ALA C 48 -1.73 5.19 12.53
CA ALA C 48 -1.03 5.86 11.43
C ALA C 48 -1.71 7.18 11.04
N TYR C 49 -3.03 7.22 11.18
CA TYR C 49 -3.80 8.39 10.86
C TYR C 49 -3.60 9.46 11.94
N ILE C 50 -3.63 9.02 13.20
CA ILE C 50 -3.42 9.92 14.34
C ILE C 50 -2.04 10.57 14.25
N ASP C 51 -1.01 9.75 14.07
CA ASP C 51 0.36 10.23 13.94
C ASP C 51 0.51 11.26 12.82
N GLU C 52 -0.15 11.02 11.69
CA GLU C 52 -0.12 11.93 10.56
C GLU C 52 -0.74 13.28 10.91
N ILE C 53 -1.98 13.25 11.40
CA ILE C 53 -2.72 14.47 11.73
C ILE C 53 -2.02 15.26 12.84
N ALA C 54 -1.43 14.54 13.80
CA ALA C 54 -0.65 15.16 14.86
C ALA C 54 0.55 15.92 14.30
N ALA C 55 1.27 15.31 13.36
CA ALA C 55 2.41 15.96 12.73
C ALA C 55 1.98 17.20 11.97
N LEU C 56 0.92 17.08 11.17
CA LEU C 56 0.36 18.21 10.43
C LEU C 56 -0.03 19.33 11.38
N THR C 57 -0.79 18.99 12.41
CA THR C 57 -1.19 19.92 13.46
C THR C 57 0.01 20.67 14.05
N ALA C 58 1.03 19.92 14.46
CA ALA C 58 2.21 20.48 15.09
C ALA C 58 2.99 21.37 14.13
N MET C 59 3.12 20.95 12.88
CA MET C 59 3.79 21.76 11.87
C MET C 59 3.06 23.09 11.65
N LYS C 60 1.74 23.02 11.56
CA LYS C 60 0.91 24.19 11.33
C LYS C 60 1.03 25.22 12.45
N HIS C 61 1.20 24.76 13.69
CA HIS C 61 1.31 25.65 14.84
C HIS C 61 2.69 26.27 14.98
N ALA C 62 3.72 25.47 14.75
CA ALA C 62 5.10 25.88 15.03
C ALA C 62 5.84 26.43 13.80
N ASN C 63 5.27 26.22 12.62
CA ASN C 63 5.91 26.61 11.35
C ASN C 63 7.27 25.97 11.11
N SER C 64 7.45 24.75 11.61
CA SER C 64 8.70 24.02 11.40
C SER C 64 8.46 22.52 11.31
N ALA C 65 9.52 21.78 11.01
CA ALA C 65 9.49 20.33 11.02
C ALA C 65 9.32 19.88 12.46
N VAL C 66 8.63 18.77 12.65
CA VAL C 66 8.39 18.23 14.00
C VAL C 66 8.70 16.75 14.08
N VAL C 67 9.09 16.29 15.26
CA VAL C 67 9.18 14.85 15.52
C VAL C 67 8.13 14.47 16.57
N THR C 68 7.57 13.27 16.45
CA THR C 68 6.73 12.74 17.50
C THR C 68 7.66 12.22 18.58
N ALA C 69 7.75 12.97 19.68
CA ALA C 69 8.58 12.59 20.82
C ALA C 69 8.00 11.37 21.51
N SER C 70 6.75 11.47 21.94
CA SER C 70 6.08 10.36 22.60
C SER C 70 4.58 10.33 22.32
N ILE C 71 3.97 9.19 22.58
CA ILE C 71 2.53 9.08 22.64
C ILE C 71 2.19 8.78 24.10
N ASP C 72 1.40 9.66 24.69
CA ASP C 72 1.13 9.60 26.13
C ASP C 72 -0.09 8.75 26.47
N SER C 73 -0.94 8.53 25.47
CA SER C 73 -2.12 7.66 25.59
C SER C 73 -2.90 7.60 24.29
N VAL C 74 -3.41 6.41 23.99
CA VAL C 74 -4.43 6.22 22.95
C VAL C 74 -5.53 5.41 23.61
N ASP C 75 -6.77 5.90 23.51
CA ASP C 75 -7.91 5.22 24.13
C ASP C 75 -8.90 4.72 23.07
N PHE C 76 -8.95 3.41 22.87
CA PHE C 76 -9.87 2.79 21.91
C PHE C 76 -11.22 2.46 22.56
N LYS C 77 -12.23 3.27 22.27
CA LYS C 77 -13.56 3.11 22.85
C LYS C 77 -14.45 2.17 22.03
N SER C 78 -14.42 2.34 20.71
CA SER C 78 -15.06 1.43 19.77
C SER C 78 -14.34 1.54 18.43
N SER C 79 -14.78 0.79 17.43
CA SER C 79 -14.15 0.84 16.11
C SER C 79 -15.08 1.29 14.99
N ALA C 80 -14.50 1.95 13.99
CA ALA C 80 -15.21 2.24 12.77
C ALA C 80 -15.36 0.96 11.94
N THR C 81 -16.50 0.84 11.26
CA THR C 81 -16.72 -0.30 10.37
C THR C 81 -16.59 0.12 8.90
N VAL C 82 -16.40 -0.87 8.02
CA VAL C 82 -16.29 -0.64 6.58
C VAL C 82 -17.44 0.23 6.09
N GLY C 83 -17.13 1.20 5.23
CA GLY C 83 -18.12 2.11 4.65
C GLY C 83 -18.44 3.35 5.49
N ASP C 84 -17.94 3.37 6.72
CA ASP C 84 -18.11 4.51 7.60
C ASP C 84 -17.25 5.66 7.09
N ALA C 85 -17.61 6.88 7.48
CA ALA C 85 -16.70 8.01 7.40
C ALA C 85 -15.84 7.97 8.64
N LEU C 86 -14.54 8.20 8.47
CA LEU C 86 -13.64 8.33 9.59
C LEU C 86 -13.26 9.80 9.77
N GLU C 87 -13.55 10.35 10.94
CA GLU C 87 -13.32 11.77 11.24
C GLU C 87 -12.25 11.97 12.29
N LEU C 88 -11.14 12.58 11.89
CA LEU C 88 -10.05 12.88 12.82
C LEU C 88 -9.91 14.39 12.97
N GLU C 89 -9.60 14.81 14.20
CA GLU C 89 -9.44 16.23 14.52
C GLU C 89 -8.25 16.41 15.45
N GLY C 90 -7.31 17.27 15.08
CA GLY C 90 -6.13 17.52 15.89
C GLY C 90 -5.96 18.99 16.23
N PHE C 91 -5.63 19.27 17.48
CA PHE C 91 -5.24 20.63 17.89
C PHE C 91 -4.25 20.64 19.05
N VAL C 92 -3.46 21.70 19.13
CA VAL C 92 -2.48 21.85 20.20
C VAL C 92 -3.19 22.33 21.46
N THR C 93 -3.05 21.56 22.54
CA THR C 93 -3.72 21.83 23.81
C THR C 93 -2.85 22.68 24.71
N HIS C 94 -1.53 22.44 24.67
CA HIS C 94 -0.56 23.07 25.57
C HIS C 94 0.84 23.02 24.98
N THR C 95 1.74 23.86 25.47
CA THR C 95 3.11 23.92 24.97
C THR C 95 4.14 24.03 26.08
N GLY C 96 5.29 23.39 25.86
CA GLY C 96 6.49 23.64 26.64
C GLY C 96 7.32 24.67 25.89
N ARG C 97 8.63 24.65 26.09
CA ARG C 97 9.52 25.57 25.38
C ARG C 97 9.68 25.17 23.91
N THR C 98 9.96 23.90 23.68
CA THR C 98 10.21 23.39 22.34
C THR C 98 9.17 22.35 21.91
N SER C 99 8.22 22.06 22.80
CA SER C 99 7.27 20.97 22.59
C SER C 99 5.82 21.40 22.62
N MET C 100 4.95 20.56 22.06
CA MET C 100 3.53 20.83 21.99
C MET C 100 2.76 19.56 22.32
N GLU C 101 1.86 19.63 23.29
CA GLU C 101 0.95 18.51 23.52
C GLU C 101 -0.16 18.57 22.46
N VAL C 102 -0.37 17.47 21.76
CA VAL C 102 -1.39 17.41 20.72
C VAL C 102 -2.52 16.44 21.08
N TYR C 103 -3.75 16.94 21.00
CA TYR C 103 -4.94 16.14 21.23
C TYR C 103 -5.58 15.71 19.90
N VAL C 104 -5.77 14.40 19.75
CA VAL C 104 -6.39 13.84 18.55
C VAL C 104 -7.63 13.03 18.91
N ARG C 105 -8.79 13.46 18.42
CA ARG C 105 -10.04 12.73 18.62
C ARG C 105 -10.51 12.12 17.32
N VAL C 106 -10.88 10.85 17.38
CA VAL C 106 -11.34 10.10 16.20
C VAL C 106 -12.82 9.71 16.34
N HIS C 107 -13.63 10.12 15.37
CA HIS C 107 -15.04 9.73 15.31
C HIS C 107 -15.31 8.86 14.09
N SER C 108 -16.16 7.86 14.26
CA SER C 108 -16.71 7.12 13.14
C SER C 108 -18.11 7.68 12.88
N ASN C 109 -18.40 7.98 11.62
CA ASN C 109 -19.69 8.53 11.24
C ASN C 109 -20.34 7.69 10.16
N ASN C 110 -21.41 7.00 10.52
CA ASN C 110 -22.20 6.27 9.54
C ASN C 110 -23.14 7.23 8.81
N LEU C 111 -22.72 7.65 7.63
CA LEU C 111 -23.42 8.67 6.83
C LEU C 111 -24.81 8.24 6.32
N LEU C 112 -25.03 6.93 6.21
CA LEU C 112 -26.34 6.42 5.78
C LEU C 112 -27.35 6.45 6.92
N THR C 113 -26.91 6.08 8.13
CA THR C 113 -27.83 5.93 9.26
C THR C 113 -27.85 7.12 10.21
N GLY C 114 -26.84 7.97 10.12
CA GLY C 114 -26.74 9.16 10.97
C GLY C 114 -25.97 8.96 12.26
N GLU C 115 -25.59 7.71 12.55
CA GLU C 115 -24.91 7.38 13.81
C GLU C 115 -23.43 7.79 13.82
N ARG C 116 -23.08 8.60 14.81
CA ARG C 116 -21.75 9.13 15.01
C ARG C 116 -21.29 8.74 16.42
N THR C 117 -20.13 8.08 16.52
CA THR C 117 -19.59 7.66 17.82
C THR C 117 -18.11 7.98 17.96
N LEU C 118 -17.73 8.44 19.16
CA LEU C 118 -16.35 8.62 19.54
C LEU C 118 -15.70 7.24 19.64
N THR C 119 -14.70 7.02 18.80
CA THR C 119 -14.02 5.74 18.72
C THR C 119 -12.66 5.79 19.39
N THR C 120 -11.98 6.93 19.25
CA THR C 120 -10.62 7.06 19.76
C THR C 120 -10.31 8.46 20.30
N GLU C 121 -9.37 8.51 21.24
CA GLU C 121 -8.76 9.75 21.71
C GLU C 121 -7.29 9.47 21.92
N SER C 122 -6.45 10.43 21.57
CA SER C 122 -5.03 10.30 21.82
C SER C 122 -4.36 11.59 22.25
N PHE C 123 -3.34 11.45 23.09
CA PHE C 123 -2.45 12.55 23.46
C PHE C 123 -1.02 12.26 23.02
N LEU C 124 -0.43 13.21 22.30
CA LEU C 124 0.91 13.05 21.77
C LEU C 124 1.73 14.25 22.20
N THR C 125 3.03 14.03 22.41
CA THR C 125 3.95 15.14 22.61
C THR C 125 4.80 15.29 21.36
N MET C 126 4.71 16.47 20.74
CA MET C 126 5.46 16.78 19.53
C MET C 126 6.56 17.77 19.84
N VAL C 127 7.71 17.58 19.20
CA VAL C 127 8.83 18.52 19.32
C VAL C 127 9.09 19.17 17.97
N ALA C 128 9.29 20.48 17.97
CA ALA C 128 9.70 21.20 16.78
C ALA C 128 11.21 21.10 16.61
N VAL C 129 11.66 20.95 15.37
CA VAL C 129 13.09 20.87 15.07
C VAL C 129 13.49 21.75 13.89
N ASP C 130 14.76 22.20 13.91
CA ASP C 130 15.33 23.00 12.83
C ASP C 130 15.85 22.12 11.71
N GLU C 131 16.59 22.71 10.78
CA GLU C 131 17.12 22.01 9.61
C GLU C 131 17.90 20.74 9.94
N SER C 132 18.76 20.81 10.95
CA SER C 132 19.65 19.69 11.28
C SER C 132 19.23 18.92 12.54
N GLY C 133 17.92 18.81 12.74
CA GLY C 133 17.34 17.94 13.77
C GLY C 133 17.37 18.43 15.22
N LYS C 134 17.96 19.60 15.43
CA LYS C 134 18.04 20.20 16.77
C LYS C 134 16.70 20.85 17.12
N PRO C 135 16.17 20.58 18.33
CA PRO C 135 14.96 21.24 18.85
C PRO C 135 14.96 22.77 18.76
N LYS C 136 13.76 23.34 18.76
CA LYS C 136 13.53 24.73 18.40
C LYS C 136 12.31 25.27 19.15
N PRO C 137 12.39 26.52 19.67
CA PRO C 137 11.30 27.10 20.45
C PRO C 137 10.01 27.31 19.66
N VAL C 138 8.88 26.91 20.25
CA VAL C 138 7.56 27.05 19.64
C VAL C 138 6.73 28.12 20.36
N PRO C 139 5.87 28.85 19.61
CA PRO C 139 4.96 29.81 20.24
C PRO C 139 3.94 29.16 21.18
N GLN C 140 3.57 29.86 22.24
CA GLN C 140 2.54 29.39 23.18
C GLN C 140 1.15 29.41 22.56
N VAL C 141 0.23 28.66 23.16
CA VAL C 141 -1.11 28.52 22.61
C VAL C 141 -2.17 29.22 23.47
N GLU C 142 -3.10 29.91 22.80
CA GLU C 142 -4.21 30.60 23.48
C GLU C 142 -5.49 29.81 23.32
N PRO C 143 -6.01 29.27 24.44
CA PRO C 143 -7.30 28.58 24.39
C PRO C 143 -8.47 29.58 24.30
N GLN C 144 -9.53 29.20 23.60
CA GLN C 144 -10.68 30.10 23.43
C GLN C 144 -12.03 29.48 23.79
N THR C 145 -12.32 28.30 23.25
CA THR C 145 -13.58 27.61 23.55
C THR C 145 -13.54 26.94 24.91
N GLU C 146 -14.72 26.61 25.42
CA GLU C 146 -14.90 25.91 26.70
C GLU C 146 -14.02 24.66 26.78
N GLU C 147 -14.14 23.81 25.76
CA GLU C 147 -13.35 22.59 25.64
C GLU C 147 -11.85 22.89 25.68
N GLU C 148 -11.43 23.84 24.84
CA GLU C 148 -10.05 24.29 24.75
C GLU C 148 -9.49 24.76 26.08
N LYS C 149 -10.26 25.58 26.80
CA LYS C 149 -9.81 26.14 28.08
C LYS C 149 -9.61 25.09 29.17
N ARG C 150 -10.44 24.04 29.14
CA ARG C 150 -10.36 22.97 30.13
C ARG C 150 -9.07 22.16 29.95
N LEU C 151 -8.78 21.79 28.69
CA LEU C 151 -7.63 20.96 28.36
C LEU C 151 -6.30 21.67 28.60
N TYR C 152 -6.32 23.01 28.52
CA TYR C 152 -5.14 23.83 28.78
C TYR C 152 -4.77 23.81 30.25
N GLU C 153 -5.79 23.89 31.10
CA GLU C 153 -5.59 23.99 32.55
C GLU C 153 -5.27 22.65 33.19
N THR C 154 -5.63 21.56 32.49
CA THR C 154 -5.35 20.20 32.97
C THR C 154 -4.11 19.61 32.34
N ALA C 155 -3.46 20.35 31.44
CA ALA C 155 -2.28 19.87 30.73
C ALA C 155 -1.04 19.74 31.63
N PRO C 156 -0.80 20.71 32.54
CA PRO C 156 0.29 20.52 33.49
C PRO C 156 0.09 19.29 34.37
N ALA C 157 -1.16 19.00 34.70
CA ALA C 157 -1.51 17.78 35.44
C ALA C 157 -1.13 16.52 34.66
N ARG C 158 -1.29 16.58 33.34
CA ARG C 158 -0.87 15.49 32.46
C ARG C 158 0.64 15.38 32.34
N LYS C 159 1.31 16.53 32.34
CA LYS C 159 2.77 16.60 32.26
C LYS C 159 3.44 15.94 33.47
N GLU C 160 2.89 16.21 34.65
CA GLU C 160 3.36 15.62 35.92
C GLU C 160 3.15 14.10 35.96
N ASN C 161 2.00 13.65 35.46
CA ASN C 161 1.67 12.22 35.38
C ASN C 161 2.53 11.49 34.33
N ARG C 162 2.78 12.18 33.22
CA ARG C 162 3.61 11.67 32.13
C ARG C 162 5.04 11.38 32.60
N LYS C 163 5.67 12.39 33.20
CA LYS C 163 7.05 12.29 33.70
C LYS C 163 7.22 11.25 34.81
N LYS C 164 6.15 10.99 35.55
CA LYS C 164 6.14 9.95 36.58
C LYS C 164 6.13 8.54 36.00
N ARG C 165 5.36 8.36 34.92
CA ARG C 165 5.25 7.05 34.26
C ARG C 165 6.60 6.60 33.70
N ALA C 166 7.53 7.55 33.54
CA ALA C 166 8.86 7.28 33.02
C ALA C 166 9.78 6.54 34.00
N ALA C 167 9.50 6.67 35.29
CA ALA C 167 10.33 6.04 36.34
C ALA C 167 10.08 4.54 36.51
N LEU C 168 8.84 4.11 36.26
CA LEU C 168 8.45 2.71 36.42
C LEU C 168 8.98 1.83 35.29
N ILE D 14 -8.08 -33.79 -24.76
CA ILE D 14 -7.67 -33.64 -26.19
C ILE D 14 -7.90 -32.20 -26.69
N GLN D 15 -8.42 -31.35 -25.82
CA GLN D 15 -8.68 -29.93 -26.12
C GLN D 15 -7.37 -29.17 -26.33
N SER D 16 -7.35 -28.30 -27.35
CA SER D 16 -6.12 -27.66 -27.79
C SER D 16 -6.31 -26.19 -28.12
N TYR D 17 -5.50 -25.34 -27.49
CA TYR D 17 -5.48 -23.90 -27.80
C TYR D 17 -4.06 -23.46 -28.16
N PRO D 18 -3.93 -22.49 -29.09
CA PRO D 18 -2.62 -21.91 -29.40
C PRO D 18 -2.07 -21.05 -28.26
N VAL D 19 -0.74 -21.00 -28.13
CA VAL D 19 -0.09 -20.24 -27.06
C VAL D 19 -0.61 -18.80 -26.98
N GLU D 20 -0.84 -18.19 -28.14
CA GLU D 20 -1.28 -16.79 -28.25
C GLU D 20 -2.50 -16.47 -27.40
N ARG D 21 -3.35 -17.48 -27.17
CA ARG D 21 -4.56 -17.31 -26.37
C ARG D 21 -4.29 -16.96 -24.91
N SER D 22 -3.25 -17.56 -24.33
CA SER D 22 -2.89 -17.33 -22.93
C SER D 22 -2.03 -16.07 -22.73
N ARG D 23 -1.43 -15.59 -23.82
CA ARG D 23 -0.50 -14.46 -23.79
C ARG D 23 -1.05 -13.28 -22.99
N THR D 24 -0.29 -12.83 -22.01
CA THR D 24 -0.68 -11.72 -21.16
C THR D 24 0.45 -10.70 -21.10
N ILE D 25 0.11 -9.45 -21.40
CA ILE D 25 1.08 -8.37 -21.33
C ILE D 25 0.72 -7.41 -20.20
N GLN D 26 1.75 -6.91 -19.53
CA GLN D 26 1.61 -5.97 -18.43
C GLN D 26 2.68 -4.90 -18.63
N THR D 27 2.28 -3.63 -18.55
CA THR D 27 3.24 -2.55 -18.63
C THR D 27 3.09 -1.57 -17.45
N ARG D 28 4.12 -1.49 -16.64
CA ARG D 28 4.10 -0.69 -15.43
C ARG D 28 5.13 0.42 -15.48
N LEU D 29 4.98 1.39 -14.59
CA LEU D 29 5.91 2.50 -14.45
C LEU D 29 6.54 2.44 -13.07
N VAL D 30 7.86 2.37 -13.01
CA VAL D 30 8.57 2.22 -11.74
C VAL D 30 8.63 3.52 -10.97
N LEU D 31 7.97 3.54 -9.82
CA LEU D 31 7.89 4.73 -8.96
C LEU D 31 8.55 4.48 -7.61
N PRO D 32 8.98 5.55 -6.92
CA PRO D 32 9.64 5.46 -5.60
C PRO D 32 9.07 4.49 -4.54
N PRO D 33 7.73 4.33 -4.44
CA PRO D 33 7.21 3.33 -3.49
C PRO D 33 7.60 1.89 -3.81
N ASP D 34 8.08 1.65 -5.04
CA ASP D 34 8.43 0.31 -5.51
C ASP D 34 9.92 0.03 -5.39
N THR D 35 10.70 1.08 -5.08
CA THR D 35 12.16 0.95 -5.01
C THR D 35 12.66 0.29 -3.73
N ASN D 36 13.88 -0.24 -3.80
CA ASN D 36 14.56 -0.75 -2.63
C ASN D 36 15.46 0.33 -2.01
N HIS D 37 16.39 -0.11 -1.16
CA HIS D 37 17.31 0.78 -0.45
C HIS D 37 18.59 1.09 -1.23
N LEU D 38 18.60 0.75 -2.53
CA LEU D 38 19.77 0.94 -3.39
C LEU D 38 19.57 1.97 -4.50
N GLY D 39 18.36 1.99 -5.07
CA GLY D 39 18.06 2.84 -6.23
C GLY D 39 17.33 2.10 -7.34
N THR D 40 17.33 0.77 -7.25
CA THR D 40 16.64 -0.09 -8.22
C THR D 40 15.29 -0.56 -7.66
N ILE D 41 14.53 -1.28 -8.48
CA ILE D 41 13.24 -1.82 -8.04
C ILE D 41 13.44 -2.95 -7.01
N PHE D 42 12.67 -2.88 -5.93
CA PHE D 42 12.66 -3.92 -4.90
C PHE D 42 12.27 -5.28 -5.50
N GLY D 43 13.14 -6.27 -5.32
CA GLY D 43 12.98 -7.60 -5.90
C GLY D 43 11.62 -8.22 -5.61
N GLY D 44 11.11 -7.96 -4.40
CA GLY D 44 9.84 -8.50 -3.95
C GLY D 44 8.64 -8.01 -4.75
N LYS D 45 8.71 -6.78 -5.24
CA LYS D 45 7.67 -6.22 -6.08
C LYS D 45 7.61 -6.97 -7.40
N VAL D 46 8.78 -7.21 -8.00
CA VAL D 46 8.90 -7.93 -9.25
C VAL D 46 8.23 -9.30 -9.15
N LEU D 47 8.46 -9.98 -8.03
CA LEU D 47 7.86 -11.30 -7.76
C LEU D 47 6.34 -11.26 -7.67
N ALA D 48 5.82 -10.19 -7.06
CA ALA D 48 4.39 -10.00 -6.89
C ALA D 48 3.74 -9.74 -8.25
N TYR D 49 4.51 -9.12 -9.15
CA TYR D 49 4.07 -8.89 -10.50
C TYR D 49 4.04 -10.20 -11.29
N ILE D 50 5.13 -10.96 -11.19
CA ILE D 50 5.23 -12.25 -11.86
C ILE D 50 4.07 -13.18 -11.46
N ASP D 51 3.83 -13.31 -10.16
CA ASP D 51 2.78 -14.18 -9.67
C ASP D 51 1.41 -13.76 -10.19
N GLU D 52 1.18 -12.45 -10.25
CA GLU D 52 -0.09 -11.92 -10.75
C GLU D 52 -0.30 -12.24 -12.24
N ILE D 53 0.73 -11.97 -13.05
CA ILE D 53 0.65 -12.17 -14.48
C ILE D 53 0.62 -13.65 -14.87
N ALA D 54 1.34 -14.47 -14.09
CA ALA D 54 1.30 -15.92 -14.28
C ALA D 54 -0.11 -16.46 -14.02
N ALA D 55 -0.82 -15.87 -13.06
CA ALA D 55 -2.18 -16.27 -12.72
C ALA D 55 -3.16 -15.88 -13.84
N LEU D 56 -3.08 -14.64 -14.30
CA LEU D 56 -3.91 -14.17 -15.41
C LEU D 56 -3.69 -15.03 -16.64
N THR D 57 -2.42 -15.30 -16.96
CA THR D 57 -2.05 -16.15 -18.10
C THR D 57 -2.72 -17.52 -17.99
N ALA D 58 -2.60 -18.13 -16.82
CA ALA D 58 -3.15 -19.45 -16.56
C ALA D 58 -4.67 -19.44 -16.63
N MET D 59 -5.29 -18.38 -16.12
CA MET D 59 -6.73 -18.24 -16.15
C MET D 59 -7.27 -18.13 -17.58
N LYS D 60 -6.61 -17.31 -18.40
CA LYS D 60 -6.98 -17.13 -19.80
C LYS D 60 -6.96 -18.44 -20.58
N HIS D 61 -6.01 -19.31 -20.24
CA HIS D 61 -5.85 -20.60 -20.91
C HIS D 61 -6.78 -21.68 -20.37
N ALA D 62 -6.84 -21.81 -19.05
CA ALA D 62 -7.60 -22.87 -18.41
C ALA D 62 -9.10 -22.58 -18.39
N ASN D 63 -9.45 -21.29 -18.37
CA ASN D 63 -10.84 -20.83 -18.23
C ASN D 63 -11.41 -21.18 -16.85
N SER D 64 -10.55 -21.15 -15.84
CA SER D 64 -10.97 -21.43 -14.47
C SER D 64 -10.06 -20.74 -13.46
N ALA D 65 -10.39 -20.90 -12.18
CA ALA D 65 -9.57 -20.39 -11.09
C ALA D 65 -8.27 -21.19 -11.03
N VAL D 66 -7.18 -20.52 -10.65
CA VAL D 66 -5.88 -21.18 -10.60
C VAL D 66 -5.16 -21.00 -9.27
N VAL D 67 -4.25 -21.91 -8.97
CA VAL D 67 -3.33 -21.78 -7.85
C VAL D 67 -1.91 -21.96 -8.33
N THR D 68 -0.99 -21.15 -7.82
CA THR D 68 0.43 -21.34 -8.10
C THR D 68 0.88 -22.56 -7.31
N ALA D 69 1.16 -23.64 -8.04
CA ALA D 69 1.69 -24.86 -7.43
C ALA D 69 3.11 -24.61 -6.95
N SER D 70 3.97 -24.19 -7.86
CA SER D 70 5.34 -23.85 -7.52
C SER D 70 5.91 -22.83 -8.48
N ILE D 71 7.01 -22.21 -8.08
CA ILE D 71 7.84 -21.49 -9.01
C ILE D 71 9.14 -22.30 -9.17
N ASP D 72 9.41 -22.68 -10.41
CA ASP D 72 10.43 -23.68 -10.72
C ASP D 72 11.81 -23.06 -10.92
N SER D 73 11.82 -21.75 -11.16
CA SER D 73 13.04 -20.95 -11.29
C SER D 73 12.72 -19.47 -11.39
N VAL D 74 13.57 -18.65 -10.79
CA VAL D 74 13.57 -17.21 -11.01
C VAL D 74 15.02 -16.75 -10.98
N ASP D 75 15.43 -15.97 -11.98
CA ASP D 75 16.74 -15.32 -11.92
C ASP D 75 16.70 -13.86 -12.31
N PHE D 76 17.32 -13.04 -11.47
CA PHE D 76 17.41 -11.61 -11.67
C PHE D 76 18.73 -11.30 -12.37
N LYS D 77 18.64 -11.03 -13.67
CA LYS D 77 19.82 -10.68 -14.46
C LYS D 77 20.19 -9.22 -14.27
N SER D 78 19.18 -8.36 -14.35
CA SER D 78 19.37 -6.92 -14.17
C SER D 78 18.19 -6.38 -13.36
N SER D 79 18.21 -5.09 -13.06
CA SER D 79 17.13 -4.48 -12.28
C SER D 79 16.68 -3.14 -12.84
N ALA D 80 15.37 -2.94 -12.89
CA ALA D 80 14.79 -1.68 -13.36
C ALA D 80 15.04 -0.55 -12.37
N THR D 81 15.37 0.63 -12.91
CA THR D 81 15.58 1.82 -12.10
C THR D 81 14.33 2.70 -12.08
N VAL D 82 14.27 3.66 -11.16
CA VAL D 82 13.16 4.60 -11.04
C VAL D 82 12.95 5.33 -12.37
N GLY D 83 11.69 5.48 -12.75
CA GLY D 83 11.36 6.17 -14.00
C GLY D 83 11.27 5.28 -15.22
N ASP D 84 11.84 4.08 -15.13
CA ASP D 84 11.76 3.09 -16.21
C ASP D 84 10.35 2.57 -16.43
N ALA D 85 10.08 2.13 -17.65
CA ALA D 85 8.90 1.32 -17.92
C ALA D 85 9.27 -0.14 -17.65
N LEU D 86 8.40 -0.85 -16.95
CA LEU D 86 8.62 -2.26 -16.62
C LEU D 86 7.70 -3.14 -17.44
N GLU D 87 8.27 -3.90 -18.36
CA GLU D 87 7.48 -4.71 -19.29
C GLU D 87 7.41 -6.16 -18.83
N LEU D 88 6.19 -6.66 -18.69
CA LEU D 88 5.98 -8.05 -18.30
C LEU D 88 5.18 -8.81 -19.35
N GLU D 89 5.66 -10.01 -19.69
CA GLU D 89 5.02 -10.87 -20.66
C GLU D 89 5.00 -12.30 -20.14
N GLY D 90 3.82 -12.91 -20.12
CA GLY D 90 3.67 -14.28 -19.66
C GLY D 90 2.78 -15.11 -20.57
N PHE D 91 3.20 -16.33 -20.88
CA PHE D 91 2.42 -17.28 -21.68
C PHE D 91 2.59 -18.72 -21.20
N VAL D 92 1.59 -19.57 -21.48
CA VAL D 92 1.68 -20.99 -21.15
C VAL D 92 2.53 -21.72 -22.18
N THR D 93 3.55 -22.43 -21.70
CA THR D 93 4.57 -23.03 -22.54
C THR D 93 4.32 -24.51 -22.76
N HIS D 94 3.68 -25.14 -21.78
CA HIS D 94 3.44 -26.59 -21.78
C HIS D 94 2.41 -26.92 -20.72
N THR D 95 1.80 -28.11 -20.83
CA THR D 95 0.76 -28.53 -19.90
C THR D 95 0.93 -29.98 -19.44
N GLY D 96 0.41 -30.24 -18.24
CA GLY D 96 0.09 -31.59 -17.80
C GLY D 96 -1.39 -31.79 -18.02
N ARG D 97 -2.00 -32.72 -17.28
CA ARG D 97 -3.44 -32.92 -17.35
C ARG D 97 -4.18 -31.80 -16.62
N THR D 98 -3.68 -31.44 -15.44
CA THR D 98 -4.31 -30.40 -14.62
C THR D 98 -3.39 -29.19 -14.39
N SER D 99 -2.13 -29.31 -14.81
CA SER D 99 -1.13 -28.27 -14.60
C SER D 99 -0.76 -27.54 -15.89
N MET D 100 -0.11 -26.39 -15.74
CA MET D 100 0.35 -25.58 -16.87
C MET D 100 1.67 -24.92 -16.49
N GLU D 101 2.71 -25.17 -17.29
CA GLU D 101 3.97 -24.47 -17.10
C GLU D 101 3.85 -23.05 -17.66
N VAL D 102 4.06 -22.06 -16.80
CA VAL D 102 4.00 -20.67 -17.22
C VAL D 102 5.40 -20.04 -17.21
N TYR D 103 5.71 -19.37 -18.32
CA TYR D 103 6.95 -18.63 -18.47
C TYR D 103 6.67 -17.12 -18.46
N VAL D 104 7.34 -16.41 -17.56
CA VAL D 104 7.21 -14.96 -17.46
C VAL D 104 8.58 -14.34 -17.61
N ARG D 105 8.69 -13.40 -18.55
CA ARG D 105 9.92 -12.63 -18.69
C ARG D 105 9.64 -11.16 -18.46
N VAL D 106 10.63 -10.49 -17.84
CA VAL D 106 10.49 -9.10 -17.43
C VAL D 106 11.62 -8.26 -18.03
N HIS D 107 11.23 -7.19 -18.73
CA HIS D 107 12.17 -6.23 -19.31
C HIS D 107 12.07 -4.89 -18.63
N SER D 108 13.19 -4.18 -18.57
CA SER D 108 13.20 -2.78 -18.18
C SER D 108 13.39 -1.92 -19.43
N ASN D 109 12.55 -0.91 -19.60
CA ASN D 109 12.64 -0.02 -20.76
C ASN D 109 12.74 1.46 -20.35
N ASN D 110 13.91 2.04 -20.61
CA ASN D 110 14.11 3.47 -20.45
C ASN D 110 13.53 4.17 -21.67
N LEU D 111 12.31 4.67 -21.52
CA LEU D 111 11.59 5.33 -22.61
C LEU D 111 12.25 6.64 -23.04
N LEU D 112 12.93 7.31 -22.11
CA LEU D 112 13.72 8.51 -22.41
C LEU D 112 14.93 8.23 -23.32
N THR D 113 15.78 7.29 -22.92
CA THR D 113 17.05 7.03 -23.62
C THR D 113 16.96 5.94 -24.70
N GLY D 114 15.91 5.13 -24.62
CA GLY D 114 15.72 4.04 -25.57
C GLY D 114 16.27 2.68 -25.12
N GLU D 115 17.10 2.68 -24.09
CA GLU D 115 17.74 1.46 -23.59
C GLU D 115 16.75 0.47 -22.97
N ARG D 116 16.90 -0.80 -23.34
CA ARG D 116 15.98 -1.86 -22.94
C ARG D 116 16.75 -3.16 -22.70
N THR D 117 16.57 -3.75 -21.52
CA THR D 117 17.29 -4.98 -21.17
C THR D 117 16.40 -5.99 -20.48
N LEU D 118 16.71 -7.27 -20.69
CA LEU D 118 16.06 -8.35 -19.96
C LEU D 118 16.57 -8.39 -18.53
N THR D 119 15.66 -8.21 -17.58
CA THR D 119 16.01 -8.09 -16.16
C THR D 119 15.65 -9.33 -15.36
N THR D 120 14.49 -9.91 -15.65
CA THR D 120 14.02 -11.07 -14.90
C THR D 120 13.46 -12.14 -15.82
N GLU D 121 13.40 -13.36 -15.31
CA GLU D 121 12.96 -14.53 -16.07
C GLU D 121 12.45 -15.56 -15.09
N SER D 122 11.26 -16.08 -15.33
CA SER D 122 10.64 -17.01 -14.39
C SER D 122 9.91 -18.18 -15.04
N PHE D 123 9.93 -19.32 -14.34
CA PHE D 123 9.13 -20.50 -14.70
C PHE D 123 8.26 -20.90 -13.51
N LEU D 124 6.96 -21.00 -13.75
CA LEU D 124 6.00 -21.35 -12.72
C LEU D 124 5.14 -22.53 -13.14
N THR D 125 4.74 -23.35 -12.16
CA THR D 125 3.73 -24.36 -12.39
C THR D 125 2.43 -23.87 -11.77
N MET D 126 1.39 -23.82 -12.60
CA MET D 126 0.07 -23.39 -12.19
C MET D 126 -0.87 -24.57 -12.29
N VAL D 127 -1.80 -24.68 -11.34
CA VAL D 127 -2.84 -25.70 -11.37
C VAL D 127 -4.20 -25.05 -11.43
N ALA D 128 -5.06 -25.55 -12.31
CA ALA D 128 -6.43 -25.07 -12.41
C ALA D 128 -7.28 -25.80 -11.39
N VAL D 129 -8.19 -25.07 -10.74
CA VAL D 129 -9.06 -25.65 -9.72
C VAL D 129 -10.52 -25.25 -9.89
N ASP D 130 -11.42 -26.19 -9.58
CA ASP D 130 -12.87 -25.94 -9.65
C ASP D 130 -13.37 -25.12 -8.47
N GLU D 131 -14.69 -24.96 -8.36
CA GLU D 131 -15.28 -24.15 -7.28
C GLU D 131 -14.83 -24.62 -5.89
N SER D 132 -14.86 -25.93 -5.67
CA SER D 132 -14.51 -26.51 -4.38
C SER D 132 -13.00 -26.59 -4.10
N GLY D 133 -12.18 -26.15 -5.06
CA GLY D 133 -10.73 -26.09 -4.89
C GLY D 133 -9.96 -27.36 -5.26
N LYS D 134 -10.62 -28.28 -5.94
CA LYS D 134 -9.98 -29.52 -6.39
C LYS D 134 -9.52 -29.36 -7.85
N PRO D 135 -8.25 -29.72 -8.14
CA PRO D 135 -7.66 -29.70 -9.49
C PRO D 135 -8.56 -30.20 -10.62
N LYS D 136 -8.38 -29.58 -11.79
CA LYS D 136 -9.29 -29.71 -12.91
C LYS D 136 -8.50 -29.88 -14.22
N PRO D 137 -8.94 -30.78 -15.11
CA PRO D 137 -8.28 -30.96 -16.41
C PRO D 137 -8.19 -29.63 -17.19
N VAL D 138 -7.02 -29.38 -17.77
CA VAL D 138 -6.76 -28.18 -18.59
C VAL D 138 -6.42 -28.56 -20.02
N PRO D 139 -6.86 -27.74 -21.00
CA PRO D 139 -6.52 -27.98 -22.40
C PRO D 139 -5.02 -27.89 -22.68
N GLN D 140 -4.54 -28.68 -23.65
CA GLN D 140 -3.13 -28.64 -24.05
C GLN D 140 -2.84 -27.41 -24.92
N VAL D 141 -1.56 -27.07 -25.04
CA VAL D 141 -1.16 -25.83 -25.71
C VAL D 141 -0.45 -26.07 -27.03
N GLU D 142 -0.83 -25.33 -28.06
CA GLU D 142 -0.21 -25.41 -29.39
C GLU D 142 0.85 -24.32 -29.53
N PRO D 143 2.12 -24.71 -29.61
CA PRO D 143 3.14 -23.71 -29.88
C PRO D 143 3.17 -23.42 -31.37
N GLN D 144 3.56 -22.19 -31.74
CA GLN D 144 3.55 -21.78 -33.13
C GLN D 144 4.86 -21.15 -33.60
N THR D 145 5.40 -20.22 -32.80
CA THR D 145 6.65 -19.53 -33.16
C THR D 145 7.90 -20.31 -32.74
N GLU D 146 9.04 -19.91 -33.31
CA GLU D 146 10.36 -20.46 -33.01
C GLU D 146 10.65 -20.53 -31.51
N GLU D 147 10.39 -19.42 -30.82
CA GLU D 147 10.58 -19.33 -29.37
C GLU D 147 9.69 -20.32 -28.60
N GLU D 148 8.40 -20.32 -28.92
CA GLU D 148 7.41 -21.21 -28.32
C GLU D 148 7.75 -22.69 -28.53
N LYS D 149 8.07 -23.05 -29.77
CA LYS D 149 8.38 -24.44 -30.14
C LYS D 149 9.61 -24.98 -29.42
N ARG D 150 10.55 -24.09 -29.09
CA ARG D 150 11.74 -24.44 -28.34
C ARG D 150 11.39 -24.69 -26.87
N LEU D 151 10.52 -23.84 -26.34
CA LEU D 151 10.12 -23.92 -24.93
C LEU D 151 9.17 -25.09 -24.66
N TYR D 152 8.41 -25.47 -25.67
CA TYR D 152 7.50 -26.61 -25.58
C TYR D 152 8.30 -27.90 -25.46
N GLU D 153 9.36 -28.00 -26.24
CA GLU D 153 10.16 -29.22 -26.31
C GLU D 153 11.14 -29.39 -25.15
N THR D 154 11.54 -28.28 -24.55
CA THR D 154 12.46 -28.34 -23.40
C THR D 154 11.74 -28.36 -22.05
N ALA D 155 10.41 -28.50 -22.09
CA ALA D 155 9.59 -28.57 -20.87
C ALA D 155 9.62 -29.94 -20.16
N PRO D 156 9.50 -31.05 -20.92
CA PRO D 156 9.65 -32.37 -20.27
C PRO D 156 11.00 -32.54 -19.58
N ALA D 157 12.04 -31.96 -20.18
CA ALA D 157 13.37 -31.94 -19.57
C ALA D 157 13.38 -31.13 -18.27
N ARG D 158 12.59 -30.06 -18.22
CA ARG D 158 12.46 -29.24 -17.02
C ARG D 158 11.60 -29.90 -15.94
N LYS D 159 10.62 -30.71 -16.36
CA LYS D 159 9.74 -31.41 -15.43
C LYS D 159 10.46 -32.57 -14.75
N GLU D 160 11.32 -33.26 -15.50
CA GLU D 160 12.16 -34.35 -14.98
C GLU D 160 13.21 -33.80 -14.01
N ASN D 161 13.74 -32.61 -14.33
CA ASN D 161 14.66 -31.88 -13.47
C ASN D 161 13.95 -31.36 -12.21
N ARG D 162 12.69 -30.96 -12.39
CA ARG D 162 11.83 -30.50 -11.30
C ARG D 162 11.51 -31.65 -10.33
N LYS D 163 11.18 -32.82 -10.88
CA LYS D 163 10.85 -34.01 -10.09
C LYS D 163 12.03 -34.57 -9.30
N LYS D 164 13.25 -34.16 -9.66
CA LYS D 164 14.45 -34.59 -8.95
C LYS D 164 14.92 -33.53 -7.96
N ARG D 165 14.48 -32.29 -8.16
CA ARG D 165 14.70 -31.22 -7.20
C ARG D 165 13.87 -31.49 -5.95
N ALA D 166 12.97 -32.47 -6.05
CA ALA D 166 12.10 -32.86 -4.94
C ALA D 166 12.84 -33.65 -3.85
N ALA D 167 13.90 -34.36 -4.23
CA ALA D 167 14.77 -35.02 -3.26
C ALA D 167 15.83 -34.04 -2.77
N LEU D 168 15.92 -33.88 -1.45
CA LEU D 168 16.77 -32.86 -0.81
C LEU D 168 18.25 -33.03 -1.13
N ILE E 14 -6.87 -21.13 37.72
CA ILE E 14 -6.69 -20.83 36.26
C ILE E 14 -5.34 -21.37 35.78
N GLN E 15 -5.17 -21.43 34.46
CA GLN E 15 -3.90 -21.79 33.81
C GLN E 15 -2.86 -20.67 33.97
N SER E 16 -1.59 -21.05 33.93
CA SER E 16 -0.49 -20.10 33.99
C SER E 16 0.60 -20.46 33.00
N TYR E 17 1.03 -19.49 32.20
CA TYR E 17 2.05 -19.71 31.19
C TYR E 17 3.26 -18.81 31.40
N PRO E 18 4.46 -19.28 31.02
CA PRO E 18 5.65 -18.43 31.08
C PRO E 18 5.66 -17.38 29.95
N VAL E 19 6.46 -16.33 30.14
CA VAL E 19 6.58 -15.25 29.17
C VAL E 19 7.06 -15.76 27.82
N GLU E 20 7.98 -16.72 27.84
CA GLU E 20 8.56 -17.28 26.62
C GLU E 20 7.51 -17.76 25.60
N ARG E 21 6.44 -18.38 26.09
CA ARG E 21 5.33 -18.84 25.25
C ARG E 21 4.75 -17.72 24.37
N SER E 22 4.56 -16.54 24.95
CA SER E 22 3.93 -15.43 24.25
C SER E 22 4.89 -14.60 23.39
N ARG E 23 6.20 -14.81 23.55
CA ARG E 23 7.20 -14.00 22.85
C ARG E 23 7.05 -14.07 21.33
N THR E 24 7.04 -12.89 20.71
CA THR E 24 6.89 -12.75 19.28
C THR E 24 7.98 -11.81 18.76
N ILE E 25 8.69 -12.26 17.72
CA ILE E 25 9.77 -11.47 17.12
C ILE E 25 9.44 -11.15 15.67
N GLN E 26 9.60 -9.88 15.29
CA GLN E 26 9.53 -9.48 13.88
C GLN E 26 10.81 -8.78 13.48
N THR E 27 11.24 -9.05 12.25
CA THR E 27 12.41 -8.39 11.69
C THR E 27 12.10 -7.93 10.27
N ARG E 28 12.25 -6.63 10.04
CA ARG E 28 11.90 -6.04 8.76
C ARG E 28 13.03 -5.21 8.17
N LEU E 29 12.99 -5.05 6.85
CA LEU E 29 13.96 -4.24 6.14
C LEU E 29 13.32 -2.91 5.80
N VAL E 30 13.89 -1.82 6.33
CA VAL E 30 13.35 -0.48 6.09
C VAL E 30 13.55 -0.07 4.64
N LEU E 31 12.45 0.30 3.99
CA LEU E 31 12.45 0.67 2.57
C LEU E 31 11.90 2.08 2.35
N PRO E 32 12.26 2.74 1.23
CA PRO E 32 11.77 4.09 0.93
C PRO E 32 10.28 4.35 1.16
N PRO E 33 9.37 3.43 0.77
CA PRO E 33 7.95 3.69 1.11
C PRO E 33 7.66 3.73 2.62
N ASP E 34 8.55 3.18 3.43
CA ASP E 34 8.39 3.17 4.89
C ASP E 34 8.92 4.46 5.51
N THR E 35 9.60 5.27 4.70
CA THR E 35 10.27 6.47 5.20
C THR E 35 9.35 7.71 5.20
N ASN E 36 9.76 8.72 5.96
CA ASN E 36 9.03 9.97 6.02
C ASN E 36 9.70 11.07 5.17
N HIS E 37 9.26 12.31 5.38
CA HIS E 37 9.75 13.47 4.63
C HIS E 37 11.14 13.92 5.08
N LEU E 38 11.61 13.35 6.19
CA LEU E 38 13.00 13.46 6.60
C LEU E 38 13.73 12.15 6.27
N GLY E 39 15.00 12.06 6.62
CA GLY E 39 15.81 10.90 6.24
C GLY E 39 15.30 9.53 6.70
N THR E 40 14.50 9.54 7.77
CA THR E 40 14.19 8.34 8.54
C THR E 40 12.84 7.71 8.25
N ILE E 41 12.46 6.72 9.05
CA ILE E 41 11.22 5.97 8.91
C ILE E 41 10.02 6.77 9.43
N PHE E 42 8.86 6.56 8.80
CA PHE E 42 7.60 7.19 9.23
C PHE E 42 7.16 6.61 10.57
N GLY E 43 6.91 7.50 11.53
CA GLY E 43 6.48 7.11 12.87
C GLY E 43 5.19 6.32 12.89
N GLY E 44 4.35 6.55 11.87
CA GLY E 44 3.08 5.84 11.73
C GLY E 44 3.25 4.40 11.29
N LYS E 45 4.35 4.11 10.60
CA LYS E 45 4.68 2.74 10.20
C LYS E 45 5.16 1.96 11.41
N VAL E 46 5.94 2.61 12.27
CA VAL E 46 6.40 2.00 13.51
C VAL E 46 5.20 1.58 14.35
N LEU E 47 4.22 2.47 14.47
CA LEU E 47 3.03 2.22 15.27
C LEU E 47 2.20 1.04 14.76
N ALA E 48 2.09 0.93 13.44
CA ALA E 48 1.33 -0.14 12.82
C ALA E 48 1.98 -1.49 13.10
N TYR E 49 3.31 -1.51 13.08
CA TYR E 49 4.04 -2.73 13.39
C TYR E 49 3.82 -3.08 14.86
N ILE E 50 3.89 -2.07 15.73
CA ILE E 50 3.74 -2.26 17.17
C ILE E 50 2.37 -2.84 17.53
N ASP E 51 1.31 -2.28 16.96
CA ASP E 51 -0.04 -2.79 17.20
C ASP E 51 -0.22 -4.23 16.73
N GLU E 52 0.40 -4.54 15.59
CA GLU E 52 0.32 -5.87 14.98
C GLU E 52 1.01 -6.93 15.85
N ILE E 53 2.19 -6.58 16.33
CA ILE E 53 3.00 -7.49 17.15
C ILE E 53 2.37 -7.69 18.52
N ALA E 54 1.83 -6.62 19.10
CA ALA E 54 1.10 -6.71 20.36
C ALA E 54 -0.12 -7.61 20.22
N ALA E 55 -0.80 -7.49 19.08
CA ALA E 55 -1.97 -8.31 18.77
C ALA E 55 -1.59 -9.78 18.66
N LEU E 56 -0.45 -10.05 18.02
CA LEU E 56 0.06 -11.40 17.87
C LEU E 56 0.54 -11.99 19.20
N THR E 57 1.11 -11.13 20.03
CA THR E 57 1.63 -11.55 21.33
C THR E 57 0.49 -11.95 22.28
N ALA E 58 -0.58 -11.17 22.25
CA ALA E 58 -1.76 -11.44 23.08
C ALA E 58 -2.47 -12.73 22.68
N MET E 59 -2.57 -12.97 21.37
CA MET E 59 -3.27 -14.13 20.83
C MET E 59 -2.58 -15.45 21.16
N LYS E 60 -1.27 -15.52 20.90
CA LYS E 60 -0.49 -16.71 21.14
C LYS E 60 -0.60 -17.13 22.61
N HIS E 61 -0.78 -16.15 23.49
CA HIS E 61 -0.92 -16.36 24.92
C HIS E 61 -2.34 -16.81 25.29
N ALA E 62 -3.32 -16.00 24.92
CA ALA E 62 -4.73 -16.22 25.31
C ALA E 62 -5.45 -17.26 24.44
N ASN E 63 -4.90 -17.54 23.26
CA ASN E 63 -5.50 -18.45 22.29
C ASN E 63 -6.92 -18.05 21.89
N SER E 64 -7.15 -16.75 21.83
CA SER E 64 -8.41 -16.17 21.39
C SER E 64 -8.13 -14.88 20.63
N ALA E 65 -9.15 -14.35 19.97
CA ALA E 65 -9.06 -13.04 19.34
C ALA E 65 -8.85 -11.98 20.40
N VAL E 66 -8.23 -10.86 20.01
CA VAL E 66 -7.92 -9.79 20.97
C VAL E 66 -8.18 -8.41 20.37
N VAL E 67 -8.61 -7.48 21.22
CA VAL E 67 -8.68 -6.08 20.83
C VAL E 67 -7.62 -5.28 21.61
N THR E 68 -7.13 -4.20 21.03
CA THR E 68 -6.24 -3.31 21.74
C THR E 68 -7.11 -2.35 22.56
N ALA E 69 -7.16 -2.59 23.87
CA ALA E 69 -7.96 -1.76 24.77
C ALA E 69 -7.45 -0.33 24.78
N SER E 70 -6.16 -0.15 25.04
CA SER E 70 -5.56 1.17 25.09
C SER E 70 -4.05 1.11 25.02
N ILE E 71 -3.46 2.10 24.35
CA ILE E 71 -2.01 2.26 24.36
C ILE E 71 -1.62 3.13 25.55
N ASP E 72 -0.71 2.63 26.36
CA ASP E 72 -0.36 3.29 27.61
C ASP E 72 0.83 4.22 27.48
N SER E 73 1.73 3.91 26.54
CA SER E 73 2.89 4.75 26.23
C SER E 73 3.61 4.29 24.97
N VAL E 74 4.07 5.24 24.17
CA VAL E 74 5.03 4.98 23.11
C VAL E 74 6.13 6.04 23.24
N ASP E 75 7.38 5.59 23.46
CA ASP E 75 8.49 6.52 23.62
C ASP E 75 9.46 6.44 22.45
N PHE E 76 9.39 7.40 21.54
CA PHE E 76 10.27 7.46 20.38
C PHE E 76 11.62 8.10 20.75
N LYS E 77 12.66 7.26 20.78
CA LYS E 77 13.98 7.71 21.20
C LYS E 77 14.84 8.16 20.02
N SER E 78 14.91 7.33 18.99
CA SER E 78 15.43 7.71 17.67
C SER E 78 14.63 6.88 16.67
N SER E 79 15.06 6.83 15.41
CA SER E 79 14.35 6.01 14.42
C SER E 79 15.25 5.49 13.29
N ALA E 80 14.91 4.31 12.78
CA ALA E 80 15.68 3.63 11.74
C ALA E 80 15.71 4.40 10.43
N THR E 81 16.83 4.31 9.72
CA THR E 81 16.92 4.87 8.37
C THR E 81 16.82 3.75 7.33
N VAL E 82 16.64 4.12 6.07
CA VAL E 82 16.58 3.18 4.96
C VAL E 82 17.74 2.20 5.02
N GLY E 83 17.45 0.91 4.81
CA GLY E 83 18.50 -0.12 4.82
C GLY E 83 18.82 -0.69 6.19
N ASP E 84 18.18 -0.16 7.22
CA ASP E 84 18.24 -0.74 8.56
C ASP E 84 17.28 -1.91 8.65
N ALA E 85 17.59 -2.87 9.52
CA ALA E 85 16.62 -3.88 9.91
C ALA E 85 15.88 -3.39 11.16
N LEU E 86 14.56 -3.44 11.12
CA LEU E 86 13.76 -3.20 12.33
C LEU E 86 13.59 -4.51 13.08
N GLU E 87 14.21 -4.59 14.25
CA GLU E 87 14.00 -5.72 15.15
C GLU E 87 12.89 -5.34 16.10
N LEU E 88 11.83 -6.12 16.10
CA LEU E 88 10.71 -5.88 17.01
C LEU E 88 10.55 -7.07 17.93
N GLU E 89 10.34 -6.79 19.20
CA GLU E 89 10.18 -7.82 20.24
C GLU E 89 8.91 -7.52 21.02
N GLY E 90 8.05 -8.51 21.15
CA GLY E 90 6.82 -8.36 21.93
C GLY E 90 6.58 -9.49 22.90
N PHE E 91 6.25 -9.14 24.14
CA PHE E 91 5.85 -10.14 25.12
C PHE E 91 4.84 -9.64 26.15
N VAL E 92 4.20 -10.59 26.84
CA VAL E 92 3.26 -10.28 27.91
C VAL E 92 4.01 -10.11 29.23
N THR E 93 3.67 -9.06 29.95
CA THR E 93 4.38 -8.73 31.19
C THR E 93 3.53 -9.01 32.42
N HIS E 94 2.23 -8.72 32.34
CA HIS E 94 1.31 -8.87 33.47
C HIS E 94 -0.12 -9.15 33.01
N THR E 95 -0.90 -9.77 33.88
CA THR E 95 -2.26 -10.19 33.55
C THR E 95 -3.27 -9.71 34.59
N GLY E 96 -4.43 -9.26 34.10
CA GLY E 96 -5.55 -8.95 34.97
C GLY E 96 -6.59 -10.06 34.88
N ARG E 97 -7.86 -9.69 35.02
CA ARG E 97 -8.96 -10.63 34.81
C ARG E 97 -9.02 -11.06 33.34
N THR E 98 -9.43 -10.14 32.48
CA THR E 98 -9.52 -10.40 31.03
C THR E 98 -8.59 -9.47 30.24
N SER E 99 -7.66 -8.84 30.95
CA SER E 99 -6.68 -7.91 30.36
C SER E 99 -5.26 -8.46 30.39
N MET E 100 -4.43 -8.01 29.45
CA MET E 100 -3.02 -8.40 29.38
C MET E 100 -2.16 -7.19 29.05
N GLU E 101 -1.04 -7.05 29.75
CA GLU E 101 -0.08 -6.01 29.42
C GLU E 101 0.99 -6.55 28.47
N VAL E 102 1.08 -5.94 27.29
CA VAL E 102 2.09 -6.29 26.31
C VAL E 102 3.14 -5.19 26.26
N TYR E 103 4.41 -5.59 26.27
CA TYR E 103 5.52 -4.67 26.13
C TYR E 103 6.19 -4.90 24.79
N VAL E 104 6.35 -3.84 24.01
CA VAL E 104 6.97 -3.94 22.70
C VAL E 104 8.27 -3.14 22.60
N ARG E 105 9.33 -3.86 22.24
CA ARG E 105 10.67 -3.31 22.11
C ARG E 105 11.03 -3.22 20.62
N VAL E 106 11.38 -2.02 20.16
CA VAL E 106 11.76 -1.85 18.75
C VAL E 106 13.19 -1.35 18.62
N HIS E 107 13.99 -2.09 17.85
CA HIS E 107 15.41 -1.79 17.65
C HIS E 107 15.73 -1.56 16.18
N SER E 108 16.56 -0.54 15.92
CA SER E 108 17.14 -0.37 14.59
C SER E 108 18.52 -1.03 14.60
N ASN E 109 18.77 -1.88 13.61
CA ASN E 109 19.99 -2.64 13.55
C ASN E 109 20.63 -2.50 12.18
N ASN E 110 21.66 -1.67 12.09
CA ASN E 110 22.40 -1.47 10.85
C ASN E 110 23.32 -2.67 10.60
N LEU E 111 22.90 -3.56 9.69
CA LEU E 111 23.65 -4.79 9.43
C LEU E 111 25.03 -4.56 8.80
N LEU E 112 25.21 -3.43 8.12
CA LEU E 112 26.51 -3.05 7.57
C LEU E 112 27.52 -2.75 8.69
N THR E 113 27.28 -1.67 9.44
CA THR E 113 28.19 -1.23 10.50
C THR E 113 28.17 -2.09 11.76
N GLY E 114 27.03 -2.73 12.02
CA GLY E 114 26.84 -3.48 13.26
C GLY E 114 26.39 -2.59 14.40
N GLU E 115 25.76 -1.47 14.03
CA GLU E 115 25.25 -0.50 14.99
C GLU E 115 23.78 -0.80 15.32
N ARG E 116 23.48 -0.94 16.60
CA ARG E 116 22.15 -1.30 17.07
C ARG E 116 21.65 -0.33 18.16
N THR E 117 20.58 0.38 17.85
CA THR E 117 20.03 1.40 18.74
C THR E 117 18.60 1.01 19.17
N LEU E 118 18.20 1.45 20.36
CA LEU E 118 16.83 1.30 20.82
C LEU E 118 15.95 2.43 20.27
N THR E 119 15.05 2.06 19.37
CA THR E 119 14.18 3.02 18.67
C THR E 119 13.03 3.50 19.54
N THR E 120 12.24 2.55 20.02
CA THR E 120 11.02 2.86 20.77
C THR E 120 10.62 1.72 21.72
N GLU E 121 9.86 2.09 22.76
CA GLU E 121 9.28 1.15 23.70
C GLU E 121 7.80 1.45 23.80
N SER E 122 7.00 0.41 24.01
CA SER E 122 5.57 0.60 24.13
C SER E 122 4.95 -0.32 25.16
N PHE E 123 3.94 0.21 25.86
CA PHE E 123 3.09 -0.58 26.74
C PHE E 123 1.65 -0.50 26.25
N LEU E 124 1.04 -1.66 26.04
CA LEU E 124 -0.33 -1.75 25.56
C LEU E 124 -1.16 -2.64 26.47
N THR E 125 -2.48 -2.43 26.45
CA THR E 125 -3.41 -3.30 27.14
C THR E 125 -4.26 -4.01 26.11
N MET E 126 -4.21 -5.33 26.12
CA MET E 126 -5.02 -6.14 25.21
C MET E 126 -6.08 -6.91 25.98
N VAL E 127 -7.24 -7.07 25.37
CA VAL E 127 -8.35 -7.80 25.98
C VAL E 127 -8.75 -8.97 25.09
N ALA E 128 -8.75 -10.17 25.65
CA ALA E 128 -9.22 -11.35 24.95
C ALA E 128 -10.73 -11.29 24.84
N VAL E 129 -11.25 -11.63 23.66
CA VAL E 129 -12.69 -11.59 23.42
C VAL E 129 -13.20 -12.88 22.75
N ASP E 130 -14.48 -13.17 22.94
CA ASP E 130 -15.12 -14.37 22.38
C ASP E 130 -15.58 -14.15 20.93
N GLU E 131 -16.43 -15.04 20.43
CA GLU E 131 -17.03 -14.89 19.10
C GLU E 131 -17.88 -13.63 18.98
N SER E 132 -18.49 -13.23 20.09
CA SER E 132 -19.36 -12.06 20.12
C SER E 132 -18.73 -10.84 20.81
N GLY E 133 -17.41 -10.68 20.64
CA GLY E 133 -16.67 -9.49 21.09
C GLY E 133 -16.89 -9.03 22.52
N LYS E 134 -16.79 -9.95 23.47
CA LYS E 134 -16.95 -9.63 24.90
C LYS E 134 -15.77 -10.17 25.72
N PRO E 135 -15.33 -9.41 26.75
CA PRO E 135 -14.16 -9.81 27.57
C PRO E 135 -14.15 -11.28 28.02
N LYS E 136 -13.00 -11.92 27.85
CA LYS E 136 -12.83 -13.35 28.09
C LYS E 136 -11.65 -13.60 29.03
N PRO E 137 -11.85 -14.45 30.07
CA PRO E 137 -10.77 -14.76 31.04
C PRO E 137 -9.50 -15.25 30.37
N VAL E 138 -8.35 -14.74 30.83
CA VAL E 138 -7.05 -15.11 30.27
C VAL E 138 -6.22 -15.93 31.25
N PRO E 139 -5.30 -16.77 30.73
CA PRO E 139 -4.33 -17.41 31.61
C PRO E 139 -3.33 -16.39 32.12
N GLN E 140 -2.70 -16.68 33.25
CA GLN E 140 -1.74 -15.77 33.87
C GLN E 140 -0.33 -16.00 33.32
N VAL E 141 0.53 -15.01 33.49
CA VAL E 141 1.89 -15.08 32.99
C VAL E 141 2.92 -15.13 34.12
N GLU E 142 3.90 -16.02 34.00
CA GLU E 142 4.99 -16.09 34.99
C GLU E 142 6.36 -15.77 34.38
N PRO E 143 7.02 -14.73 34.91
CA PRO E 143 8.33 -14.28 34.43
C PRO E 143 9.45 -15.28 34.74
N GLN E 144 10.48 -15.31 33.90
CA GLN E 144 11.60 -16.24 34.08
C GLN E 144 12.97 -15.57 34.07
N THR E 145 13.15 -14.55 33.25
CA THR E 145 14.39 -13.76 33.28
C THR E 145 14.27 -12.62 34.30
N GLU E 146 15.41 -12.02 34.64
CA GLU E 146 15.44 -10.94 35.62
C GLU E 146 14.74 -9.66 35.16
N GLU E 147 14.90 -9.33 33.89
CA GLU E 147 14.21 -8.18 33.31
C GLU E 147 12.70 -8.42 33.26
N GLU E 148 12.32 -9.67 32.97
CA GLU E 148 10.92 -10.11 32.99
C GLU E 148 10.35 -10.01 34.40
N LYS E 149 11.18 -10.26 35.39
CA LYS E 149 10.79 -10.13 36.80
C LYS E 149 10.52 -8.67 37.16
N ARG E 150 11.46 -7.78 36.84
CA ARG E 150 11.32 -6.36 37.17
C ARG E 150 10.18 -5.66 36.42
N LEU E 151 9.83 -6.17 35.25
CA LEU E 151 8.65 -5.69 34.52
C LEU E 151 7.38 -6.20 35.19
N TYR E 152 7.44 -7.41 35.74
CA TYR E 152 6.30 -8.02 36.44
C TYR E 152 6.06 -7.37 37.80
N GLU E 153 7.15 -7.08 38.54
CA GLU E 153 7.07 -6.44 39.85
C GLU E 153 6.35 -5.09 39.75
N THR E 154 6.91 -4.19 38.94
CA THR E 154 6.37 -2.84 38.79
C THR E 154 5.30 -2.76 37.71
N ALA E 155 4.46 -3.79 37.64
CA ALA E 155 3.31 -3.78 36.74
C ALA E 155 2.11 -3.03 37.34
N PRO E 156 1.65 -3.38 38.56
CA PRO E 156 0.52 -2.66 39.13
C PRO E 156 0.77 -1.15 39.27
N ALA E 157 2.02 -0.78 39.57
CA ALA E 157 2.42 0.63 39.68
C ALA E 157 2.19 1.40 38.38
N ARG E 158 2.31 0.70 37.25
CA ARG E 158 1.98 1.28 35.95
C ARG E 158 0.47 1.40 35.76
N LYS E 159 -0.26 0.35 36.14
CA LYS E 159 -1.71 0.34 36.01
C LYS E 159 -2.35 1.40 36.91
N GLU E 160 -1.75 1.60 38.09
CA GLU E 160 -2.18 2.63 39.04
C GLU E 160 -1.97 4.03 38.46
N ASN E 161 -0.83 4.25 37.81
CA ASN E 161 -0.54 5.49 37.09
C ASN E 161 -1.52 5.72 35.95
N ARG E 162 -1.80 4.64 35.21
CA ARG E 162 -2.72 4.65 34.07
C ARG E 162 -4.16 5.00 34.51
N LYS E 163 -4.63 4.35 35.58
CA LYS E 163 -5.94 4.66 36.16
C LYS E 163 -6.04 6.14 36.52
N LYS E 164 -5.04 6.64 37.25
CA LYS E 164 -4.97 8.06 37.63
C LYS E 164 -4.96 8.96 36.40
N ARG E 165 -4.22 8.54 35.37
CA ARG E 165 -4.12 9.27 34.11
C ARG E 165 -5.47 9.39 33.40
N ALA E 166 -6.27 8.34 33.49
CA ALA E 166 -7.57 8.25 32.82
C ALA E 166 -8.59 9.33 33.21
N ALA E 167 -8.36 10.01 34.33
CA ALA E 167 -9.30 11.01 34.82
C ALA E 167 -8.67 12.37 35.15
N LEU E 168 -7.62 12.72 34.42
CA LEU E 168 -7.02 14.05 34.55
C LEU E 168 -7.50 14.98 33.43
N ARG E 169 -8.80 15.24 33.44
CA ARG E 169 -9.46 16.08 32.44
C ARG E 169 -10.66 16.81 33.06
N ILE F 14 38.67 -16.37 4.66
CA ILE F 14 38.71 -17.60 5.52
C ILE F 14 38.08 -17.32 6.89
N GLN F 15 36.79 -16.95 6.85
CA GLN F 15 36.01 -16.60 8.04
C GLN F 15 34.77 -17.48 8.12
N SER F 16 34.41 -17.92 9.33
CA SER F 16 33.27 -18.82 9.52
C SER F 16 32.37 -18.43 10.69
N TYR F 17 31.07 -18.43 10.43
CA TYR F 17 30.06 -18.15 11.45
C TYR F 17 29.01 -19.26 11.55
N PRO F 18 28.48 -19.53 12.77
CA PRO F 18 27.41 -20.52 12.93
C PRO F 18 26.10 -20.08 12.30
N VAL F 19 25.24 -21.04 11.92
CA VAL F 19 23.96 -20.74 11.30
C VAL F 19 23.14 -19.78 12.17
N GLU F 20 23.12 -20.05 13.47
CA GLU F 20 22.38 -19.24 14.46
C GLU F 20 22.54 -17.74 14.26
N ARG F 21 23.74 -17.30 13.92
CA ARG F 21 24.04 -15.90 13.65
C ARG F 21 23.13 -15.31 12.58
N SER F 22 22.96 -16.04 11.48
CA SER F 22 22.23 -15.53 10.31
C SER F 22 20.72 -15.74 10.37
N ARG F 23 20.23 -16.43 11.40
CA ARG F 23 18.80 -16.72 11.52
C ARG F 23 17.99 -15.44 11.70
N THR F 24 16.90 -15.35 10.95
CA THR F 24 15.97 -14.23 11.02
C THR F 24 14.53 -14.75 11.03
N ILE F 25 13.74 -14.22 11.94
CA ILE F 25 12.36 -14.67 12.15
C ILE F 25 11.37 -13.53 11.87
N GLN F 26 10.34 -13.85 11.10
CA GLN F 26 9.20 -12.97 10.88
C GLN F 26 7.93 -13.61 11.39
N THR F 27 7.04 -12.79 11.95
CA THR F 27 5.73 -13.25 12.37
C THR F 27 4.67 -12.22 11.99
N ARG F 28 3.91 -12.51 10.94
CA ARG F 28 2.92 -11.58 10.44
C ARG F 28 1.51 -11.99 10.88
N LEU F 29 0.59 -11.04 10.84
CA LEU F 29 -0.82 -11.30 11.05
C LEU F 29 -1.51 -11.12 9.71
N VAL F 30 -2.20 -12.17 9.25
CA VAL F 30 -2.82 -12.15 7.92
C VAL F 30 -4.13 -11.33 7.94
N LEU F 31 -4.13 -10.24 7.16
CA LEU F 31 -5.25 -9.31 7.13
C LEU F 31 -5.95 -9.32 5.75
N PRO F 32 -7.21 -8.84 5.68
CA PRO F 32 -7.91 -8.69 4.40
C PRO F 32 -7.10 -8.10 3.23
N PRO F 33 -6.36 -6.99 3.43
CA PRO F 33 -5.52 -6.49 2.33
C PRO F 33 -4.46 -7.49 1.85
N ASP F 34 -4.10 -8.44 2.72
CA ASP F 34 -3.07 -9.43 2.39
C ASP F 34 -3.65 -10.60 1.60
N THR F 35 -4.98 -10.66 1.50
CA THR F 35 -5.66 -11.80 0.91
C THR F 35 -5.94 -11.67 -0.59
N ASN F 36 -6.60 -12.68 -1.14
CA ASN F 36 -6.90 -12.75 -2.56
C ASN F 36 -8.36 -13.11 -2.80
N HIS F 37 -8.71 -13.26 -4.07
CA HIS F 37 -10.08 -13.57 -4.51
C HIS F 37 -10.55 -14.97 -4.07
N LEU F 38 -9.60 -15.83 -3.72
CA LEU F 38 -9.90 -17.18 -3.26
C LEU F 38 -9.98 -17.28 -1.73
N GLY F 39 -10.23 -16.14 -1.06
CA GLY F 39 -10.38 -16.10 0.40
C GLY F 39 -9.13 -16.37 1.23
N THR F 40 -8.11 -16.93 0.57
CA THR F 40 -6.81 -17.22 1.20
C THR F 40 -5.82 -16.07 0.97
N ILE F 41 -4.57 -16.26 1.40
CA ILE F 41 -3.53 -15.24 1.25
C ILE F 41 -2.99 -15.17 -0.18
N PHE F 42 -2.65 -13.97 -0.63
CA PHE F 42 -2.05 -13.74 -1.95
C PHE F 42 -0.62 -14.26 -2.00
N GLY F 43 -0.38 -15.20 -2.93
CA GLY F 43 0.93 -15.80 -3.11
C GLY F 43 2.02 -14.78 -3.40
N GLY F 44 1.62 -13.66 -3.97
CA GLY F 44 2.54 -12.56 -4.25
C GLY F 44 2.99 -11.85 -2.99
N LYS F 45 2.11 -11.81 -1.99
CA LYS F 45 2.44 -11.25 -0.68
C LYS F 45 3.46 -12.14 0.02
N VAL F 46 3.29 -13.45 -0.12
CA VAL F 46 4.19 -14.45 0.46
C VAL F 46 5.60 -14.28 -0.10
N LEU F 47 5.69 -14.17 -1.43
CA LEU F 47 6.97 -14.01 -2.11
C LEU F 47 7.69 -12.74 -1.67
N ALA F 48 6.92 -11.68 -1.42
CA ALA F 48 7.45 -10.43 -0.92
C ALA F 48 8.07 -10.58 0.47
N TYR F 49 7.43 -11.39 1.31
CA TYR F 49 7.93 -11.63 2.65
C TYR F 49 9.16 -12.54 2.57
N ILE F 50 9.10 -13.52 1.67
CA ILE F 50 10.18 -14.48 1.44
C ILE F 50 11.44 -13.80 0.95
N ASP F 51 11.29 -12.92 -0.05
CA ASP F 51 12.43 -12.14 -0.55
C ASP F 51 13.01 -11.19 0.50
N GLU F 52 12.11 -10.56 1.27
CA GLU F 52 12.50 -9.59 2.30
C GLU F 52 13.28 -10.22 3.43
N ILE F 53 12.82 -11.38 3.89
CA ILE F 53 13.48 -12.07 4.99
C ILE F 53 14.80 -12.74 4.54
N ALA F 54 14.87 -13.15 3.28
CA ALA F 54 16.08 -13.73 2.72
C ALA F 54 17.18 -12.67 2.60
N ALA F 55 16.78 -11.47 2.19
CA ALA F 55 17.69 -10.33 2.10
C ALA F 55 18.31 -10.03 3.45
N LEU F 56 17.48 -9.93 4.49
CA LEU F 56 17.95 -9.68 5.86
C LEU F 56 18.87 -10.79 6.38
N THR F 57 18.51 -12.03 6.08
CA THR F 57 19.27 -13.21 6.50
C THR F 57 20.69 -13.17 5.92
N ALA F 58 20.77 -12.88 4.62
CA ALA F 58 22.04 -12.73 3.92
C ALA F 58 22.88 -11.58 4.50
N MET F 59 22.22 -10.43 4.70
CA MET F 59 22.87 -9.23 5.24
C MET F 59 23.50 -9.44 6.61
N LYS F 60 22.75 -10.09 7.50
CA LYS F 60 23.21 -10.34 8.88
C LYS F 60 24.43 -11.26 8.88
N HIS F 61 24.55 -12.06 7.83
CA HIS F 61 25.64 -13.01 7.68
C HIS F 61 26.88 -12.34 7.08
N ALA F 62 26.67 -11.53 6.04
CA ALA F 62 27.79 -10.94 5.30
C ALA F 62 28.15 -9.52 5.74
N ASN F 63 27.30 -8.91 6.56
CA ASN F 63 27.51 -7.55 7.06
C ASN F 63 27.63 -6.49 5.96
N SER F 64 26.94 -6.73 4.84
CA SER F 64 26.98 -5.86 3.68
C SER F 64 25.67 -5.93 2.89
N ALA F 65 25.53 -5.01 1.94
CA ALA F 65 24.40 -5.03 0.99
C ALA F 65 24.47 -6.29 0.13
N VAL F 66 23.30 -6.87 -0.14
CA VAL F 66 23.21 -8.11 -0.92
C VAL F 66 22.14 -7.96 -1.98
N VAL F 67 22.24 -8.76 -3.04
CA VAL F 67 21.14 -8.87 -4.00
C VAL F 67 20.71 -10.33 -4.14
N THR F 68 19.42 -10.54 -4.39
CA THR F 68 18.93 -11.86 -4.73
C THR F 68 19.37 -12.15 -6.16
N ALA F 69 20.29 -13.10 -6.31
CA ALA F 69 20.81 -13.48 -7.61
C ALA F 69 19.79 -14.31 -8.35
N SER F 70 19.30 -15.36 -7.69
CA SER F 70 18.31 -16.26 -8.27
C SER F 70 17.48 -16.94 -7.19
N ILE F 71 16.18 -17.06 -7.44
CA ILE F 71 15.31 -17.91 -6.64
C ILE F 71 15.30 -19.28 -7.29
N ASP F 72 15.64 -20.29 -6.52
CA ASP F 72 15.86 -21.63 -7.05
C ASP F 72 14.63 -22.53 -6.95
N SER F 73 13.86 -22.37 -5.86
CA SER F 73 12.60 -23.09 -5.67
C SER F 73 11.69 -22.37 -4.68
N VAL F 74 10.39 -22.34 -5.00
CA VAL F 74 9.35 -22.01 -4.04
C VAL F 74 8.26 -23.06 -4.17
N ASP F 75 8.04 -23.82 -3.10
CA ASP F 75 7.05 -24.89 -3.09
C ASP F 75 5.83 -24.54 -2.23
N PHE F 76 4.74 -24.16 -2.89
CA PHE F 76 3.48 -23.85 -2.21
C PHE F 76 2.72 -25.13 -1.88
N LYS F 77 2.78 -25.52 -0.60
CA LYS F 77 2.13 -26.75 -0.17
C LYS F 77 0.64 -26.52 0.17
N SER F 78 0.38 -25.44 0.91
CA SER F 78 -0.97 -24.91 1.11
C SER F 78 -0.81 -23.45 1.48
N SER F 79 -1.87 -22.78 1.91
CA SER F 79 -1.74 -21.38 2.31
C SER F 79 -2.65 -20.95 3.46
N ALA F 80 -2.25 -19.88 4.12
CA ALA F 80 -2.91 -19.35 5.31
C ALA F 80 -4.19 -18.57 4.99
N THR F 81 -5.18 -18.68 5.88
CA THR F 81 -6.41 -17.89 5.79
C THR F 81 -6.24 -16.55 6.51
N VAL F 82 -7.22 -15.65 6.36
CA VAL F 82 -7.27 -14.40 7.12
C VAL F 82 -7.40 -14.72 8.62
N GLY F 83 -6.64 -14.01 9.45
CA GLY F 83 -6.69 -14.22 10.91
C GLY F 83 -5.68 -15.23 11.44
N ASP F 84 -4.93 -15.84 10.53
CA ASP F 84 -3.81 -16.70 10.90
C ASP F 84 -2.59 -15.84 11.22
N ALA F 85 -1.55 -16.48 11.74
CA ALA F 85 -0.26 -15.85 11.89
C ALA F 85 0.73 -16.48 10.91
N LEU F 86 1.32 -15.68 10.04
CA LEU F 86 2.40 -16.17 9.20
C LEU F 86 3.67 -16.23 10.02
N GLU F 87 4.30 -17.40 10.05
CA GLU F 87 5.59 -17.57 10.68
C GLU F 87 6.62 -17.83 9.61
N LEU F 88 7.61 -16.95 9.53
CA LEU F 88 8.69 -17.12 8.57
C LEU F 88 10.01 -17.35 9.29
N GLU F 89 10.77 -18.31 8.78
CA GLU F 89 12.10 -18.58 9.29
C GLU F 89 13.06 -18.60 8.11
N GLY F 90 14.10 -17.78 8.19
CA GLY F 90 15.14 -17.77 7.17
C GLY F 90 16.51 -17.97 7.77
N PHE F 91 17.32 -18.82 7.13
CA PHE F 91 18.73 -18.99 7.50
C PHE F 91 19.63 -19.44 6.34
N VAL F 92 20.89 -19.03 6.40
CA VAL F 92 21.92 -19.44 5.43
C VAL F 92 22.34 -20.89 5.66
N THR F 93 22.31 -21.67 4.59
CA THR F 93 22.59 -23.11 4.67
C THR F 93 23.97 -23.49 4.16
N HIS F 94 24.52 -22.64 3.28
CA HIS F 94 25.77 -22.94 2.57
C HIS F 94 26.33 -21.66 1.94
N THR F 95 27.63 -21.65 1.63
CA THR F 95 28.27 -20.51 0.98
C THR F 95 29.24 -20.92 -0.13
N GLY F 96 29.31 -20.09 -1.17
CA GLY F 96 30.40 -20.14 -2.15
C GLY F 96 31.44 -19.12 -1.72
N ARG F 97 32.00 -18.37 -2.67
CA ARG F 97 32.94 -17.30 -2.33
C ARG F 97 32.34 -15.89 -2.36
N THR F 98 31.29 -15.69 -3.16
CA THR F 98 30.47 -14.46 -3.07
C THR F 98 28.98 -14.80 -2.93
N SER F 99 28.60 -15.98 -3.38
CA SER F 99 27.21 -16.45 -3.34
C SER F 99 26.93 -17.29 -2.08
N MET F 100 25.68 -17.27 -1.63
CA MET F 100 25.26 -18.06 -0.47
C MET F 100 23.79 -18.47 -0.54
N GLU F 101 23.52 -19.72 -0.17
CA GLU F 101 22.18 -20.29 -0.21
C GLU F 101 21.39 -19.92 1.05
N VAL F 102 20.21 -19.35 0.85
CA VAL F 102 19.29 -19.02 1.93
C VAL F 102 18.05 -19.90 1.83
N TYR F 103 17.63 -20.45 2.97
CA TYR F 103 16.44 -21.29 3.05
C TYR F 103 15.36 -20.56 3.83
N VAL F 104 14.15 -20.52 3.28
CA VAL F 104 13.03 -19.86 3.94
C VAL F 104 11.83 -20.78 4.14
N ARG F 105 11.38 -20.89 5.39
CA ARG F 105 10.20 -21.66 5.74
C ARG F 105 9.07 -20.76 6.17
N VAL F 106 7.87 -21.04 5.66
CA VAL F 106 6.69 -20.33 6.08
C VAL F 106 5.71 -21.29 6.73
N HIS F 107 5.21 -20.93 7.91
CA HIS F 107 4.17 -21.68 8.58
C HIS F 107 2.93 -20.82 8.77
N SER F 108 1.77 -21.45 8.64
CA SER F 108 0.52 -20.81 9.02
C SER F 108 0.11 -21.35 10.39
N ASN F 109 0.07 -20.47 11.37
CA ASN F 109 -0.22 -20.82 12.75
C ASN F 109 -1.57 -20.22 13.17
N ASN F 110 -2.57 -21.09 13.34
CA ASN F 110 -3.86 -20.63 13.86
C ASN F 110 -3.80 -20.53 15.38
N LEU F 111 -3.74 -19.30 15.87
CA LEU F 111 -3.51 -19.03 17.28
C LEU F 111 -4.68 -19.42 18.19
N LEU F 112 -5.90 -19.42 17.64
CA LEU F 112 -7.07 -19.85 18.39
C LEU F 112 -7.08 -21.37 18.56
N THR F 113 -7.05 -22.09 17.43
CA THR F 113 -7.19 -23.55 17.43
C THR F 113 -5.90 -24.31 17.76
N GLY F 114 -4.76 -23.64 17.64
CA GLY F 114 -3.44 -24.24 17.89
C GLY F 114 -2.87 -25.00 16.70
N GLU F 115 -3.60 -25.00 15.59
CA GLU F 115 -3.25 -25.77 14.40
C GLU F 115 -2.14 -25.09 13.59
N ARG F 116 -1.03 -25.80 13.43
CA ARG F 116 0.14 -25.29 12.71
C ARG F 116 0.34 -26.07 11.41
N THR F 117 0.62 -25.34 10.34
CA THR F 117 0.74 -25.93 9.01
C THR F 117 1.96 -25.36 8.29
N LEU F 118 2.65 -26.22 7.54
CA LEU F 118 3.74 -25.79 6.67
C LEU F 118 3.19 -25.20 5.37
N THR F 119 3.34 -23.90 5.21
CA THR F 119 2.79 -23.16 4.07
C THR F 119 3.62 -23.32 2.81
N THR F 120 4.91 -22.96 2.90
CA THR F 120 5.81 -23.02 1.75
C THR F 120 7.28 -23.09 2.16
N GLU F 121 8.08 -23.78 1.35
CA GLU F 121 9.54 -23.84 1.48
C GLU F 121 10.17 -23.11 0.31
N SER F 122 11.31 -22.46 0.54
CA SER F 122 11.99 -21.74 -0.53
C SER F 122 13.50 -21.75 -0.44
N PHE F 123 14.13 -21.88 -1.60
CA PHE F 123 15.58 -21.81 -1.74
C PHE F 123 15.98 -20.66 -2.67
N LEU F 124 16.87 -19.82 -2.18
CA LEU F 124 17.35 -18.67 -2.93
C LEU F 124 18.88 -18.65 -2.91
N THR F 125 19.47 -18.01 -3.91
CA THR F 125 20.92 -17.75 -3.93
C THR F 125 21.14 -16.25 -3.79
N MET F 126 21.89 -15.86 -2.76
CA MET F 126 22.17 -14.46 -2.49
C MET F 126 23.67 -14.15 -2.68
N VAL F 127 23.95 -12.95 -3.20
CA VAL F 127 25.31 -12.52 -3.46
C VAL F 127 25.57 -11.18 -2.78
N ALA F 128 26.57 -11.15 -1.90
CA ALA F 128 26.96 -9.90 -1.24
C ALA F 128 27.69 -9.00 -2.22
N VAL F 129 27.43 -7.69 -2.12
CA VAL F 129 28.02 -6.72 -3.04
C VAL F 129 28.61 -5.50 -2.33
N ASP F 130 29.62 -4.90 -2.97
CA ASP F 130 30.24 -3.67 -2.52
C ASP F 130 29.33 -2.47 -2.79
N GLU F 131 29.83 -1.25 -2.55
CA GLU F 131 29.08 -0.03 -2.91
C GLU F 131 29.21 0.30 -4.40
N SER F 132 30.01 -0.50 -5.10
CA SER F 132 30.15 -0.43 -6.55
C SER F 132 29.14 -1.34 -7.27
N GLY F 133 28.57 -2.29 -6.53
CA GLY F 133 27.57 -3.22 -7.08
C GLY F 133 28.14 -4.50 -7.65
N LYS F 134 29.32 -4.87 -7.17
CA LYS F 134 30.05 -6.03 -7.70
C LYS F 134 30.19 -7.11 -6.61
N PRO F 135 30.17 -8.40 -7.02
CA PRO F 135 30.30 -9.54 -6.09
C PRO F 135 31.44 -9.40 -5.08
N LYS F 136 31.11 -9.61 -3.81
CA LYS F 136 32.02 -9.35 -2.68
C LYS F 136 32.29 -10.65 -1.91
N PRO F 137 33.56 -10.90 -1.54
CA PRO F 137 33.92 -12.06 -0.72
C PRO F 137 33.09 -12.16 0.56
N VAL F 138 32.64 -13.37 0.89
CA VAL F 138 31.73 -13.61 2.02
C VAL F 138 32.28 -14.59 3.06
N PRO F 139 31.86 -14.42 4.34
CA PRO F 139 32.14 -15.42 5.37
C PRO F 139 31.42 -16.75 5.13
N GLN F 140 31.87 -17.79 5.82
CA GLN F 140 31.34 -19.15 5.66
C GLN F 140 30.39 -19.48 6.81
N VAL F 141 29.69 -20.61 6.69
CA VAL F 141 28.67 -20.99 7.67
C VAL F 141 28.91 -22.36 8.31
N GLU F 142 28.72 -22.43 9.63
CA GLU F 142 28.85 -23.67 10.40
C GLU F 142 27.50 -24.23 10.82
N PRO F 143 27.10 -25.37 10.22
CA PRO F 143 25.87 -26.06 10.62
C PRO F 143 26.01 -26.65 12.02
N GLN F 144 24.90 -26.73 12.76
CA GLN F 144 24.96 -27.21 14.14
C GLN F 144 23.88 -28.24 14.51
N THR F 145 22.62 -27.90 14.26
CA THR F 145 21.52 -28.84 14.56
C THR F 145 21.42 -29.92 13.48
N GLU F 146 20.60 -30.94 13.74
CA GLU F 146 20.40 -32.04 12.79
C GLU F 146 19.89 -31.57 11.44
N GLU F 147 18.94 -30.62 11.45
CA GLU F 147 18.42 -30.01 10.24
C GLU F 147 19.51 -29.27 9.47
N GLU F 148 20.32 -28.50 10.20
CA GLU F 148 21.38 -27.67 9.63
C GLU F 148 22.46 -28.51 8.95
N LYS F 149 22.83 -29.61 9.59
CA LYS F 149 23.79 -30.56 9.01
C LYS F 149 23.26 -31.19 7.73
N ARG F 150 22.02 -31.67 7.78
CA ARG F 150 21.37 -32.35 6.66
C ARG F 150 21.28 -31.49 5.39
N LEU F 151 20.81 -30.26 5.54
CA LEU F 151 20.71 -29.32 4.42
C LEU F 151 22.08 -28.95 3.86
N TYR F 152 23.09 -28.90 4.74
CA TYR F 152 24.48 -28.57 4.36
C TYR F 152 25.12 -29.68 3.54
N GLU F 153 24.78 -30.94 3.86
CA GLU F 153 25.36 -32.11 3.19
C GLU F 153 24.87 -32.29 1.76
N THR F 154 23.58 -32.01 1.55
CA THR F 154 22.98 -32.10 0.21
C THR F 154 22.89 -30.72 -0.47
N ALA F 155 23.72 -29.79 -0.02
CA ALA F 155 23.85 -28.48 -0.66
C ALA F 155 24.62 -28.53 -2.00
N PRO F 156 25.76 -29.27 -2.06
CA PRO F 156 26.45 -29.39 -3.35
C PRO F 156 25.57 -30.03 -4.44
N ALA F 157 24.79 -31.04 -4.05
CA ALA F 157 23.91 -31.76 -4.98
C ALA F 157 22.82 -30.85 -5.56
N ARG F 158 22.36 -29.89 -4.76
CA ARG F 158 21.39 -28.90 -5.21
C ARG F 158 22.00 -27.87 -6.17
N LYS F 159 23.22 -27.44 -5.87
CA LYS F 159 23.93 -26.44 -6.69
C LYS F 159 24.25 -27.01 -8.07
N GLU F 160 24.50 -28.32 -8.13
CA GLU F 160 24.72 -29.02 -9.39
C GLU F 160 23.43 -29.13 -10.19
N ASN F 161 22.33 -29.42 -9.49
CA ASN F 161 21.01 -29.49 -10.11
C ASN F 161 20.54 -28.14 -10.62
N ARG F 162 20.89 -27.09 -9.89
CA ARG F 162 20.58 -25.71 -10.25
C ARG F 162 21.33 -25.28 -11.51
N LYS F 163 22.63 -25.61 -11.56
CA LYS F 163 23.42 -25.40 -12.77
C LYS F 163 22.74 -26.00 -14.00
N LYS F 164 22.31 -27.26 -13.88
CA LYS F 164 21.75 -28.02 -15.02
C LYS F 164 20.46 -27.45 -15.61
N ARG F 165 19.63 -26.84 -14.77
CA ARG F 165 18.37 -26.23 -15.23
C ARG F 165 18.62 -25.10 -16.25
N ALA F 166 19.75 -24.41 -16.09
CA ALA F 166 20.11 -23.27 -16.94
C ALA F 166 20.43 -23.65 -18.41
N ALA F 167 20.66 -24.94 -18.67
CA ALA F 167 20.91 -25.41 -20.03
C ALA F 167 19.64 -25.99 -20.68
N LEU F 168 18.50 -25.33 -20.42
CA LEU F 168 17.16 -25.83 -20.79
C LEU F 168 16.92 -27.28 -20.36
#